data_9O4B
#
_entry.id   9O4B
#
_cell.length_a   1.00
_cell.length_b   1.00
_cell.length_c   1.00
_cell.angle_alpha   90.00
_cell.angle_beta   90.00
_cell.angle_gamma   90.00
#
_symmetry.space_group_name_H-M   'P 1'
#
loop_
_entity.id
_entity.type
_entity.pdbx_description
1 polymer Alpha-synuclein
2 non-polymer 2-(3,4-dimethylphenoxy)-N-[3-(4-fluorophenyl)-1,2-oxazol-5-yl]acetamide
#
_entity_poly.entity_id   1
_entity_poly.type   'polypeptide(L)'
_entity_poly.pdbx_seq_one_letter_code
;MDVFMKGLSKAKEGVVAAAEKTKQGVAEAAGKTKEGVLYVGSKTKEGVVHGVATVAEKTKEQVTNVGGAVVTGVTAVAQK
TVEGAGSIAAATGFVKKDQLGKNEEGAPQEGILEDMPVDPDNEAYEMPSEEGYQDYEPEA
;
_entity_poly.pdbx_strand_id   A,B,C,D,E,F,G,H,I,J,K,L
#
# COMPACT_ATOMS: atom_id res chain seq x y z
N VAL A 15 -3.75 -17.95 32.04
CA VAL A 15 -2.70 -18.04 31.04
C VAL A 15 -1.37 -17.58 31.63
N VAL A 16 -0.65 -18.51 32.28
CA VAL A 16 0.59 -18.17 32.96
C VAL A 16 1.73 -18.94 32.29
N ALA A 17 2.95 -18.57 32.66
CA ALA A 17 4.15 -19.25 32.14
C ALA A 17 5.28 -19.05 33.13
N ALA A 18 5.75 -20.14 33.73
CA ALA A 18 6.81 -20.09 34.72
C ALA A 18 7.94 -21.03 34.33
N ALA A 19 9.16 -20.67 34.73
CA ALA A 19 10.32 -21.48 34.44
C ALA A 19 11.36 -21.26 35.53
N GLU A 20 12.09 -22.32 35.87
CA GLU A 20 13.15 -22.26 36.87
C GLU A 20 14.38 -22.98 36.35
N LYS A 21 15.55 -22.47 36.73
CA LYS A 21 16.83 -23.03 36.32
C LYS A 21 17.82 -22.96 37.48
N THR A 22 18.57 -24.03 37.67
CA THR A 22 19.56 -24.08 38.74
C THR A 22 20.83 -24.78 38.29
N GLY A 36 22.62 -24.87 26.89
CA GLY A 36 21.24 -25.30 27.05
C GLY A 36 20.24 -24.19 26.75
N VAL A 37 19.15 -24.54 26.09
CA VAL A 37 18.10 -23.60 25.73
C VAL A 37 16.79 -24.08 26.36
N LEU A 38 16.15 -23.18 27.11
CA LEU A 38 14.88 -23.47 27.76
C LEU A 38 13.82 -22.51 27.23
N TYR A 39 12.70 -23.05 26.77
CA TYR A 39 11.63 -22.26 26.19
C TYR A 39 10.32 -22.58 26.89
N VAL A 40 9.62 -21.55 27.35
CA VAL A 40 8.30 -21.68 27.95
C VAL A 40 7.39 -20.64 27.32
N GLY A 41 6.24 -21.07 26.83
CA GLY A 41 5.30 -20.17 26.18
C GLY A 41 3.87 -20.56 26.47
N SER A 42 2.98 -19.58 26.35
CA SER A 42 1.55 -19.80 26.56
C SER A 42 0.80 -18.80 25.68
N LYS A 43 0.36 -19.26 24.51
CA LYS A 43 -0.32 -18.43 23.55
C LYS A 43 -1.82 -18.74 23.55
N THR A 44 -2.61 -17.73 23.19
CA THR A 44 -4.06 -17.86 23.19
C THR A 44 -4.65 -16.88 22.19
N LYS A 45 -5.56 -17.35 21.36
CA LYS A 45 -6.23 -16.51 20.37
C LYS A 45 -7.73 -16.70 20.46
N GLU A 46 -8.46 -15.59 20.35
CA GLU A 46 -9.92 -15.61 20.37
C GLU A 46 -10.43 -14.57 19.37
N GLY A 47 -11.19 -15.01 18.38
CA GLY A 47 -11.72 -14.12 17.38
C GLY A 47 -10.65 -13.42 16.56
N VAL A 48 -9.88 -14.18 15.77
CA VAL A 48 -8.78 -13.63 14.99
C VAL A 48 -8.92 -14.11 13.55
N VAL A 49 -8.80 -13.18 12.61
CA VAL A 49 -8.81 -13.48 11.18
C VAL A 49 -7.50 -12.98 10.59
N HIS A 50 -6.82 -13.84 9.83
CA HIS A 50 -5.56 -13.44 9.22
C HIS A 50 -5.28 -14.29 7.99
N GLY A 51 -4.29 -13.87 7.22
CA GLY A 51 -3.88 -14.58 6.03
C GLY A 51 -4.96 -14.69 4.96
N VAL A 52 -5.62 -13.56 4.66
CA VAL A 52 -6.74 -13.52 3.73
C VAL A 52 -6.32 -12.73 2.50
N ALA A 53 -6.51 -13.33 1.32
CA ALA A 53 -6.26 -12.67 0.05
C ALA A 53 -7.53 -12.75 -0.80
N THR A 54 -8.00 -11.58 -1.26
CA THR A 54 -9.24 -11.50 -2.01
C THR A 54 -9.01 -10.71 -3.30
N VAL A 55 -9.50 -11.25 -4.41
CA VAL A 55 -9.43 -10.59 -5.71
C VAL A 55 -10.83 -10.55 -6.30
N ALA A 56 -11.27 -9.35 -6.70
CA ALA A 56 -12.57 -9.16 -7.30
C ALA A 56 -12.42 -8.44 -8.63
N GLU A 57 -13.28 -8.79 -9.58
CA GLU A 57 -13.21 -8.21 -10.93
C GLU A 57 -14.62 -8.07 -11.47
N LYS A 58 -15.02 -6.83 -11.77
CA LYS A 58 -16.28 -6.52 -12.44
C LYS A 58 -17.49 -7.03 -11.67
N THR A 59 -17.41 -7.05 -10.35
CA THR A 59 -18.55 -7.43 -9.54
C THR A 59 -19.61 -6.33 -9.58
N LYS A 60 -20.86 -6.71 -9.84
CA LYS A 60 -21.96 -5.77 -9.95
C LYS A 60 -22.99 -6.10 -8.88
N GLU A 61 -23.45 -5.07 -8.17
CA GLU A 61 -24.44 -5.22 -7.12
C GLU A 61 -25.50 -4.14 -7.26
N GLN A 62 -26.70 -4.44 -6.77
CA GLN A 62 -27.82 -3.50 -6.83
C GLN A 62 -28.77 -3.82 -5.70
N VAL A 63 -28.97 -2.87 -4.79
CA VAL A 63 -29.82 -3.06 -3.62
C VAL A 63 -30.94 -2.02 -3.66
N THR A 64 -32.17 -2.48 -3.50
CA THR A 64 -33.34 -1.62 -3.43
C THR A 64 -34.12 -1.99 -2.17
N ASN A 65 -34.12 -1.11 -1.18
CA ASN A 65 -34.76 -1.37 0.10
C ASN A 65 -35.84 -0.32 0.36
N VAL A 66 -36.99 -0.77 0.84
CA VAL A 66 -38.12 0.09 1.16
C VAL A 66 -38.57 -0.28 2.57
N GLY A 67 -38.11 0.47 3.57
CA GLY A 67 -38.51 0.24 4.94
C GLY A 67 -38.08 -1.07 5.53
N GLY A 68 -36.85 -1.50 5.27
CA GLY A 68 -36.34 -2.74 5.83
C GLY A 68 -34.89 -2.63 6.28
N ALA A 69 -34.12 -3.69 6.07
CA ALA A 69 -32.71 -3.71 6.44
C ALA A 69 -31.98 -4.67 5.52
N VAL A 70 -30.87 -4.21 4.94
CA VAL A 70 -30.06 -5.02 4.04
C VAL A 70 -28.61 -4.91 4.48
N VAL A 71 -27.93 -6.05 4.60
CA VAL A 71 -26.52 -6.12 4.96
C VAL A 71 -25.80 -6.96 3.92
N THR A 72 -24.68 -6.45 3.42
CA THR A 72 -23.91 -7.17 2.41
C THR A 72 -22.47 -6.69 2.45
N GLY A 73 -21.61 -7.43 1.76
CA GLY A 73 -20.21 -7.06 1.63
C GLY A 73 -19.43 -7.02 2.94
N VAL A 74 -19.58 -8.06 3.76
CA VAL A 74 -18.85 -8.18 5.02
C VAL A 74 -17.72 -9.18 4.80
N THR A 75 -16.49 -8.74 5.08
CA THR A 75 -15.32 -9.59 4.86
C THR A 75 -14.26 -9.25 5.91
N ALA A 76 -13.58 -10.28 6.41
CA ALA A 76 -12.47 -10.14 7.34
C ALA A 76 -12.86 -9.33 8.58
N VAL A 77 -13.82 -9.87 9.32
CA VAL A 77 -14.35 -9.21 10.51
C VAL A 77 -14.13 -10.12 11.70
N ALA A 78 -13.52 -9.58 12.76
CA ALA A 78 -13.28 -10.31 13.99
C ALA A 78 -13.81 -9.50 15.17
N GLN A 79 -14.45 -10.18 16.12
CA GLN A 79 -15.02 -9.50 17.27
C GLN A 79 -15.00 -10.43 18.47
N LYS A 80 -14.65 -9.87 19.63
CA LYS A 80 -14.70 -10.58 20.91
C LYS A 80 -15.56 -9.75 21.86
N THR A 81 -16.60 -10.38 22.42
CA THR A 81 -17.54 -9.71 23.30
C THR A 81 -17.61 -10.47 24.62
N VAL A 82 -17.57 -9.72 25.73
CA VAL A 82 -17.66 -10.27 27.08
C VAL A 82 -18.85 -9.64 27.78
N GLU A 83 -19.71 -10.48 28.36
CA GLU A 83 -20.90 -10.03 29.09
C GLU A 83 -21.78 -9.16 28.21
N GLY A 84 -21.99 -9.58 26.97
CA GLY A 84 -22.83 -8.84 26.05
C GLY A 84 -23.16 -9.68 24.84
N ALA A 85 -24.16 -9.20 24.10
CA ALA A 85 -24.63 -9.88 22.89
C ALA A 85 -23.89 -9.32 21.69
N GLY A 86 -23.18 -10.17 20.97
CA GLY A 86 -22.43 -9.75 19.80
C GLY A 86 -23.04 -10.20 18.50
N SER A 87 -23.39 -9.26 17.63
CA SER A 87 -24.00 -9.54 16.34
C SER A 87 -23.10 -9.04 15.23
N ILE A 88 -22.89 -9.89 14.22
CA ILE A 88 -22.09 -9.54 13.04
C ILE A 88 -22.96 -9.72 11.81
N ALA A 89 -23.07 -8.68 11.00
CA ALA A 89 -23.86 -8.70 9.76
C ALA A 89 -25.31 -9.12 10.05
N ALA A 90 -25.89 -8.54 11.09
CA ALA A 90 -27.25 -8.87 11.50
C ALA A 90 -28.21 -7.81 11.02
N ALA A 91 -29.25 -8.23 10.29
CA ALA A 91 -30.27 -7.34 9.77
C ALA A 91 -31.59 -7.67 10.43
N THR A 92 -32.27 -6.66 10.97
CA THR A 92 -33.52 -6.82 11.69
C THR A 92 -34.58 -5.91 11.08
N GLY A 93 -35.80 -6.44 10.93
CA GLY A 93 -36.91 -5.65 10.45
C GLY A 93 -37.38 -4.66 11.48
N PHE A 94 -38.39 -3.88 11.10
CA PHE A 94 -38.90 -2.85 11.99
C PHE A 94 -39.52 -3.46 13.23
N VAL A 95 -39.28 -2.83 14.38
CA VAL A 95 -39.72 -3.31 15.68
C VAL A 95 -40.77 -2.34 16.22
N LYS A 96 -41.93 -2.89 16.59
CA LYS A 96 -43.02 -2.08 17.12
C LYS A 96 -43.39 -2.52 18.53
N VAL B 15 -2.66 -13.30 32.89
CA VAL B 15 -1.59 -13.41 31.91
C VAL B 15 -0.28 -12.95 32.52
N VAL B 16 0.43 -13.87 33.17
CA VAL B 16 1.66 -13.54 33.87
C VAL B 16 2.80 -14.32 33.24
N ALA B 17 4.03 -13.95 33.62
CA ALA B 17 5.22 -14.64 33.13
C ALA B 17 6.34 -14.43 34.14
N ALA B 18 6.80 -15.53 34.75
CA ALA B 18 7.84 -15.48 35.77
C ALA B 18 8.97 -16.43 35.40
N ALA B 19 10.17 -16.08 35.82
CA ALA B 19 11.36 -16.89 35.56
C ALA B 19 12.38 -16.67 36.66
N GLU B 20 13.08 -17.74 37.02
CA GLU B 20 14.12 -17.67 38.03
C GLU B 20 15.37 -18.40 37.54
N LYS B 21 16.52 -17.89 37.94
CA LYS B 21 17.80 -18.47 37.55
C LYS B 21 18.77 -18.39 38.72
N THR B 22 19.52 -19.46 38.94
CA THR B 22 20.49 -19.51 40.03
C THR B 22 21.76 -20.22 39.60
N GLY B 36 23.76 -20.38 28.24
CA GLY B 36 22.37 -20.79 28.37
C GLY B 36 21.39 -19.69 28.06
N VAL B 37 20.30 -20.04 27.37
CA VAL B 37 19.26 -19.10 26.99
C VAL B 37 17.95 -19.55 27.60
N LEU B 38 17.29 -18.66 28.33
CA LEU B 38 16.01 -18.94 28.97
C LEU B 38 14.97 -17.97 28.41
N TYR B 39 13.85 -18.51 27.93
CA TYR B 39 12.79 -17.71 27.33
C TYR B 39 11.47 -18.03 28.01
N VAL B 40 10.77 -16.99 28.45
CA VAL B 40 9.44 -17.11 29.02
C VAL B 40 8.55 -16.07 28.37
N GLY B 41 7.40 -16.50 27.87
CA GLY B 41 6.48 -15.60 27.20
C GLY B 41 5.05 -15.98 27.45
N SER B 42 4.16 -15.00 27.32
CA SER B 42 2.73 -15.21 27.50
C SER B 42 2.00 -14.22 26.60
N LYS B 43 1.57 -14.67 25.43
CA LYS B 43 0.91 -13.84 24.45
C LYS B 43 -0.58 -14.14 24.42
N THR B 44 -1.37 -13.13 24.06
CA THR B 44 -2.81 -13.26 24.02
C THR B 44 -3.37 -12.27 23.01
N LYS B 45 -4.28 -12.75 22.16
CA LYS B 45 -4.92 -11.91 21.15
C LYS B 45 -6.43 -12.09 21.22
N GLU B 46 -7.15 -10.98 21.10
CA GLU B 46 -8.61 -11.00 21.08
C GLU B 46 -9.09 -9.95 20.09
N GLY B 47 -9.85 -10.40 19.08
CA GLY B 47 -10.35 -9.51 18.06
C GLY B 47 -9.26 -8.82 17.26
N VAL B 48 -8.48 -9.59 16.50
CA VAL B 48 -7.36 -9.05 15.72
C VAL B 48 -7.49 -9.53 14.28
N VAL B 49 -7.34 -8.61 13.33
CA VAL B 49 -7.32 -8.92 11.91
C VAL B 49 -6.01 -8.43 11.34
N HIS B 50 -5.31 -9.29 10.60
CA HIS B 50 -4.05 -8.90 10.01
C HIS B 50 -3.75 -9.76 8.79
N GLY B 51 -2.74 -9.34 8.03
CA GLY B 51 -2.31 -10.07 6.84
C GLY B 51 -3.37 -10.17 5.77
N VAL B 52 -4.01 -9.05 5.45
CA VAL B 52 -5.12 -9.01 4.50
C VAL B 52 -4.68 -8.23 3.27
N ALA B 53 -4.86 -8.82 2.10
CA ALA B 53 -4.57 -8.17 0.82
C ALA B 53 -5.82 -8.24 -0.05
N THR B 54 -6.28 -7.10 -0.52
CA THR B 54 -7.51 -7.01 -1.30
C THR B 54 -7.25 -6.23 -2.58
N VAL B 55 -7.73 -6.76 -3.70
CA VAL B 55 -7.63 -6.12 -5.00
C VAL B 55 -9.01 -6.07 -5.62
N ALA B 56 -9.44 -4.88 -6.04
CA ALA B 56 -10.74 -4.66 -6.65
C ALA B 56 -10.56 -3.96 -7.98
N GLU B 57 -11.40 -4.31 -8.95
CA GLU B 57 -11.31 -3.75 -10.30
C GLU B 57 -12.71 -3.59 -10.87
N LYS B 58 -13.09 -2.35 -11.18
CA LYS B 58 -14.34 -2.05 -11.88
C LYS B 58 -15.57 -2.55 -11.12
N THR B 59 -15.50 -2.56 -9.80
CA THR B 59 -16.67 -2.93 -9.02
C THR B 59 -17.71 -1.82 -9.07
N LYS B 60 -18.96 -2.19 -9.35
CA LYS B 60 -20.05 -1.25 -9.49
C LYS B 60 -21.11 -1.57 -8.44
N GLU B 61 -21.57 -0.53 -7.73
CA GLU B 61 -22.59 -0.68 -6.70
C GLU B 61 -23.63 0.41 -6.87
N GLN B 62 -24.85 0.12 -6.40
CA GLN B 62 -25.95 1.06 -6.48
C GLN B 62 -26.93 0.74 -5.37
N VAL B 63 -27.14 1.70 -4.48
CA VAL B 63 -28.02 1.54 -3.31
C VAL B 63 -29.12 2.58 -3.38
N THR B 64 -30.36 2.11 -3.24
CA THR B 64 -31.53 3.00 -3.19
C THR B 64 -32.34 2.63 -1.95
N ASN B 65 -32.35 3.51 -0.96
CA ASN B 65 -33.01 3.27 0.31
C ASN B 65 -34.08 4.33 0.55
N VAL B 66 -35.26 3.87 1.01
CA VAL B 66 -36.39 4.75 1.30
C VAL B 66 -36.86 4.39 2.70
N GLY B 67 -36.40 5.15 3.70
CA GLY B 67 -36.83 4.93 5.07
C GLY B 67 -36.42 3.60 5.68
N GLY B 68 -35.19 3.17 5.43
CA GLY B 68 -34.70 1.94 6.01
C GLY B 68 -33.26 2.04 6.48
N ALA B 69 -32.49 0.96 6.30
CA ALA B 69 -31.09 0.95 6.69
C ALA B 69 -30.34 -0.02 5.80
N VAL B 70 -29.23 0.43 5.23
CA VAL B 70 -28.40 -0.38 4.35
C VAL B 70 -26.95 -0.28 4.81
N VAL B 71 -26.29 -1.43 4.96
CA VAL B 71 -24.88 -1.50 5.34
C VAL B 71 -24.16 -2.35 4.32
N THR B 72 -23.02 -1.85 3.82
CA THR B 72 -22.24 -2.57 2.83
C THR B 72 -20.79 -2.10 2.90
N GLY B 73 -19.91 -2.86 2.23
CA GLY B 73 -18.52 -2.49 2.13
C GLY B 73 -17.76 -2.45 3.44
N VAL B 74 -17.94 -3.48 4.27
CA VAL B 74 -17.22 -3.59 5.54
C VAL B 74 -16.10 -4.60 5.36
N THR B 75 -14.87 -4.18 5.65
CA THR B 75 -13.70 -5.03 5.46
C THR B 75 -12.66 -4.69 6.52
N ALA B 76 -12.00 -5.72 7.04
CA ALA B 76 -10.89 -5.58 7.99
C ALA B 76 -11.31 -4.76 9.21
N VAL B 77 -12.29 -5.29 9.95
CA VAL B 77 -12.84 -4.62 11.13
C VAL B 77 -12.64 -5.53 12.33
N ALA B 78 -12.04 -4.99 13.39
CA ALA B 78 -11.83 -5.71 14.63
C ALA B 78 -12.37 -4.88 15.80
N GLN B 79 -13.04 -5.56 16.73
CA GLN B 79 -13.63 -4.87 17.87
C GLN B 79 -13.63 -5.79 19.08
N LYS B 80 -13.30 -5.23 20.24
CA LYS B 80 -13.39 -5.93 21.52
C LYS B 80 -14.25 -5.10 22.45
N THR B 81 -15.30 -5.72 23.00
CA THR B 81 -16.26 -5.05 23.86
C THR B 81 -16.35 -5.79 25.18
N VAL B 82 -16.33 -5.03 26.28
CA VAL B 82 -16.44 -5.58 27.63
C VAL B 82 -17.64 -4.94 28.31
N GLU B 83 -18.51 -5.78 28.87
CA GLU B 83 -19.71 -5.31 29.59
C GLU B 83 -20.58 -4.44 28.69
N GLY B 84 -20.77 -4.86 27.44
CA GLY B 84 -21.58 -4.12 26.50
C GLY B 84 -21.91 -4.97 25.29
N ALA B 85 -22.89 -4.50 24.53
CA ALA B 85 -23.33 -5.18 23.32
C ALA B 85 -22.58 -4.62 22.12
N GLY B 86 -21.85 -5.48 21.43
CA GLY B 86 -21.08 -5.07 20.27
C GLY B 86 -21.67 -5.53 18.95
N SER B 87 -21.99 -4.58 18.07
CA SER B 87 -22.59 -4.88 16.77
C SER B 87 -21.66 -4.38 15.68
N ILE B 88 -21.44 -5.23 14.68
CA ILE B 88 -20.62 -4.90 13.51
C ILE B 88 -21.47 -5.09 12.27
N ALA B 89 -21.55 -4.04 11.45
CA ALA B 89 -22.33 -4.07 10.21
C ALA B 89 -23.78 -4.48 10.46
N ALA B 90 -24.38 -3.89 11.49
CA ALA B 90 -25.75 -4.22 11.88
C ALA B 90 -26.69 -3.14 11.37
N ALA B 91 -27.71 -3.56 10.63
CA ALA B 91 -28.73 -2.67 10.09
C ALA B 91 -30.07 -2.99 10.73
N THR B 92 -30.74 -1.97 11.25
CA THR B 92 -32.01 -2.13 11.94
C THR B 92 -33.06 -1.22 11.31
N GLY B 93 -34.27 -1.74 11.15
CA GLY B 93 -35.36 -0.96 10.63
C GLY B 93 -35.86 0.05 11.67
N PHE B 94 -36.85 0.83 11.25
CA PHE B 94 -37.38 1.87 12.12
C PHE B 94 -38.02 1.27 13.36
N VAL B 95 -37.80 1.92 14.50
CA VAL B 95 -38.27 1.44 15.80
C VAL B 95 -39.32 2.41 16.32
N LYS B 96 -40.47 1.87 16.68
CA LYS B 96 -41.57 2.69 17.17
C LYS B 96 -41.98 2.25 18.59
N VAL C 15 -1.56 -8.59 33.73
CA VAL C 15 -0.46 -8.71 32.76
C VAL C 15 0.84 -8.25 33.39
N VAL C 16 1.53 -9.17 34.07
CA VAL C 16 2.75 -8.84 34.79
C VAL C 16 3.91 -9.63 34.18
N ALA C 17 5.12 -9.25 34.58
CA ALA C 17 6.33 -9.95 34.12
C ALA C 17 7.42 -9.74 35.16
N ALA C 18 7.87 -10.83 35.78
CA ALA C 18 8.89 -10.77 36.81
C ALA C 18 10.02 -11.73 36.48
N ALA C 19 11.23 -11.37 36.91
CA ALA C 19 12.40 -12.19 36.68
C ALA C 19 13.40 -11.96 37.80
N GLU C 20 14.11 -13.03 38.19
CA GLU C 20 15.13 -12.96 39.22
C GLU C 20 16.38 -13.69 38.75
N LYS C 21 17.53 -13.19 39.17
CA LYS C 21 18.82 -13.78 38.81
C LYS C 21 19.76 -13.67 40.00
N THR C 22 20.51 -14.76 40.24
CA THR C 22 21.45 -14.79 41.35
C THR C 22 22.73 -15.51 40.94
N GLY C 36 24.93 -15.79 29.62
CA GLY C 36 23.53 -16.20 29.74
C GLY C 36 22.56 -15.08 29.39
N VAL C 37 21.49 -15.44 28.69
CA VAL C 37 20.46 -14.50 28.28
C VAL C 37 19.13 -14.95 28.87
N LEU C 38 18.47 -14.05 29.58
CA LEU C 38 17.17 -14.31 30.19
C LEU C 38 16.15 -13.36 29.62
N TYR C 39 15.04 -13.89 29.13
CA TYR C 39 13.99 -13.11 28.49
C TYR C 39 12.66 -13.40 29.15
N VAL C 40 11.95 -12.36 29.56
CA VAL C 40 10.61 -12.47 30.12
C VAL C 40 9.73 -11.43 29.44
N GLY C 41 8.60 -11.86 28.92
CA GLY C 41 7.69 -10.96 28.22
C GLY C 41 6.25 -11.35 28.46
N SER C 42 5.36 -10.36 28.30
CA SER C 42 3.92 -10.57 28.45
C SER C 42 3.22 -9.58 27.54
N LYS C 43 2.81 -10.05 26.36
CA LYS C 43 2.17 -9.22 25.35
C LYS C 43 0.68 -9.52 25.30
N THR C 44 -0.10 -8.51 24.92
CA THR C 44 -1.55 -8.63 24.86
C THR C 44 -2.08 -7.66 23.83
N LYS C 45 -2.98 -8.13 22.96
CA LYS C 45 -3.60 -7.31 21.94
C LYS C 45 -5.11 -7.48 21.99
N GLU C 46 -5.83 -6.37 21.83
CA GLU C 46 -7.28 -6.38 21.80
C GLU C 46 -7.74 -5.35 20.77
N GLY C 47 -8.48 -5.80 19.76
CA GLY C 47 -8.96 -4.92 18.72
C GLY C 47 -7.85 -4.24 17.94
N VAL C 48 -7.07 -5.02 17.19
CA VAL C 48 -5.93 -4.50 16.44
C VAL C 48 -6.03 -4.99 15.00
N VAL C 49 -5.86 -4.07 14.04
CA VAL C 49 -5.82 -4.39 12.63
C VAL C 49 -4.49 -3.91 12.07
N HIS C 50 -3.78 -4.79 11.36
CA HIS C 50 -2.50 -4.41 10.79
C HIS C 50 -2.19 -5.27 9.58
N GLY C 51 -1.16 -4.87 8.83
CA GLY C 51 -0.72 -5.62 7.67
C GLY C 51 -1.77 -5.72 6.57
N VAL C 52 -2.39 -4.60 6.23
CA VAL C 52 -3.48 -4.57 5.26
C VAL C 52 -3.02 -3.79 4.02
N ALA C 53 -3.17 -4.40 2.85
CA ALA C 53 -2.87 -3.76 1.58
C ALA C 53 -4.10 -3.84 0.70
N THR C 54 -4.54 -2.69 0.20
CA THR C 54 -5.77 -2.60 -0.60
C THR C 54 -5.47 -1.84 -1.88
N VAL C 55 -5.94 -2.39 -3.01
CA VAL C 55 -5.81 -1.75 -4.32
C VAL C 55 -7.19 -1.70 -4.95
N ALA C 56 -7.60 -0.51 -5.39
CA ALA C 56 -8.89 -0.31 -6.04
C ALA C 56 -8.68 0.39 -7.37
N GLU C 57 -9.50 0.03 -8.35
CA GLU C 57 -9.39 0.58 -9.69
C GLU C 57 -10.77 0.73 -10.30
N LYS C 58 -11.15 1.97 -10.63
CA LYS C 58 -12.38 2.27 -11.35
C LYS C 58 -13.63 1.78 -10.62
N THR C 59 -13.59 1.79 -9.29
CA THR C 59 -14.77 1.42 -8.52
C THR C 59 -15.81 2.53 -8.60
N LYS C 60 -17.04 2.16 -8.91
CA LYS C 60 -18.14 3.10 -9.07
C LYS C 60 -19.21 2.80 -8.04
N GLU C 61 -19.69 3.85 -7.35
CA GLU C 61 -20.72 3.72 -6.34
C GLU C 61 -21.76 4.80 -6.54
N GLN C 62 -22.98 4.51 -6.08
CA GLN C 62 -24.09 5.46 -6.20
C GLN C 62 -25.08 5.16 -5.10
N VAL C 63 -25.31 6.13 -4.21
CA VAL C 63 -26.20 5.97 -3.07
C VAL C 63 -27.31 7.01 -3.17
N THR C 64 -28.55 6.56 -3.04
CA THR C 64 -29.71 7.44 -3.02
C THR C 64 -30.55 7.08 -1.80
N ASN C 65 -30.58 7.99 -0.81
CA ASN C 65 -31.26 7.75 0.45
C ASN C 65 -32.34 8.81 0.65
N VAL C 66 -33.52 8.37 1.09
CA VAL C 66 -34.65 9.25 1.36
C VAL C 66 -35.15 8.90 2.76
N GLY C 67 -34.71 9.66 3.76
CA GLY C 67 -35.17 9.46 5.12
C GLY C 67 -34.77 8.15 5.75
N GLY C 68 -33.53 7.71 5.54
CA GLY C 68 -33.05 6.47 6.13
C GLY C 68 -31.63 6.58 6.63
N ALA C 69 -30.85 5.50 6.47
CA ALA C 69 -29.46 5.49 6.88
C ALA C 69 -28.70 4.50 6.02
N VAL C 70 -27.57 4.94 5.46
CA VAL C 70 -26.73 4.13 4.60
C VAL C 70 -25.29 4.22 5.10
N VAL C 71 -24.63 3.07 5.25
CA VAL C 71 -23.24 3.01 5.67
C VAL C 71 -22.49 2.14 4.66
N THR C 72 -21.35 2.63 4.20
CA THR C 72 -20.55 1.90 3.22
C THR C 72 -19.11 2.37 3.32
N GLY C 73 -18.22 1.61 2.67
CA GLY C 73 -16.81 1.97 2.59
C GLY C 73 -16.09 2.03 3.91
N VAL C 74 -16.28 1.00 4.74
CA VAL C 74 -15.59 0.89 6.03
C VAL C 74 -14.46 -0.11 5.87
N THR C 75 -13.24 0.31 6.18
CA THR C 75 -12.07 -0.54 6.03
C THR C 75 -11.05 -0.20 7.10
N ALA C 76 -10.39 -1.23 7.64
CA ALA C 76 -9.31 -1.08 8.61
C ALA C 76 -9.75 -0.25 9.81
N VAL C 77 -10.74 -0.76 10.54
CA VAL C 77 -11.30 -0.09 11.70
C VAL C 77 -11.14 -0.99 12.92
N ALA C 78 -10.56 -0.44 13.98
CA ALA C 78 -10.36 -1.14 15.23
C ALA C 78 -10.92 -0.32 16.37
N GLN C 79 -11.60 -0.98 17.31
CA GLN C 79 -12.22 -0.28 18.43
C GLN C 79 -12.25 -1.19 19.65
N LYS C 80 -11.93 -0.61 20.81
CA LYS C 80 -12.04 -1.30 22.09
C LYS C 80 -12.93 -0.47 23.00
N THR C 81 -13.99 -1.07 23.53
CA THR C 81 -14.95 -0.39 24.37
C THR C 81 -15.08 -1.12 25.71
N VAL C 82 -15.08 -0.35 26.80
CA VAL C 82 -15.21 -0.89 28.15
C VAL C 82 -16.43 -0.24 28.80
N GLU C 83 -17.31 -1.07 29.35
CA GLU C 83 -18.52 -0.60 30.04
C GLU C 83 -19.37 0.27 29.11
N GLY C 84 -19.53 -0.16 27.87
CA GLY C 84 -20.33 0.57 26.91
C GLY C 84 -20.63 -0.28 25.70
N ALA C 85 -21.60 0.18 24.92
CA ALA C 85 -22.02 -0.51 23.70
C ALA C 85 -21.23 0.03 22.52
N GLY C 86 -20.50 -0.85 21.84
CA GLY C 86 -19.71 -0.43 20.70
C GLY C 86 -20.29 -0.91 19.38
N SER C 87 -20.58 0.03 18.48
CA SER C 87 -21.16 -0.27 17.17
C SER C 87 -20.21 0.21 16.08
N ILE C 88 -19.96 -0.65 15.10
CA ILE C 88 -19.13 -0.33 13.96
C ILE C 88 -19.97 -0.53 12.70
N ALA C 89 -20.03 0.52 11.86
CA ALA C 89 -20.78 0.49 10.60
C ALA C 89 -22.23 0.07 10.84
N ALA C 90 -22.85 0.67 11.85
CA ALA C 90 -24.22 0.35 12.22
C ALA C 90 -25.17 1.42 11.69
N ALA C 91 -26.17 0.99 10.92
CA ALA C 91 -27.18 1.89 10.36
C ALA C 91 -28.53 1.57 10.98
N THR C 92 -29.20 2.60 11.47
CA THR C 92 -30.48 2.46 12.14
C THR C 92 -31.51 3.36 11.48
N GLY C 93 -32.72 2.84 11.31
CA GLY C 93 -33.81 3.63 10.76
C GLY C 93 -34.32 4.64 11.77
N PHE C 94 -35.31 5.42 11.34
CA PHE C 94 -35.84 6.47 12.19
C PHE C 94 -36.51 5.88 13.43
N VAL C 95 -36.31 6.54 14.56
CA VAL C 95 -36.80 6.07 15.86
C VAL C 95 -37.86 7.04 16.35
N LYS C 96 -39.03 6.52 16.69
CA LYS C 96 -40.13 7.35 17.16
C LYS C 96 -40.57 6.93 18.56
N VAL D 15 -0.45 -3.95 34.55
CA VAL D 15 0.65 -4.08 33.61
C VAL D 15 1.96 -3.62 34.26
N VAL D 16 2.63 -4.54 34.95
CA VAL D 16 3.84 -4.21 35.69
C VAL D 16 5.00 -5.00 35.11
N ALA D 17 6.21 -4.64 35.53
CA ALA D 17 7.42 -5.34 35.09
C ALA D 17 8.50 -5.14 36.15
N ALA D 18 8.93 -6.23 36.78
CA ALA D 18 9.93 -6.17 37.84
C ALA D 18 11.07 -7.13 37.53
N ALA D 19 12.26 -6.78 37.98
CA ALA D 19 13.43 -7.61 37.77
C ALA D 19 14.42 -7.37 38.91
N GLU D 20 15.11 -8.44 39.31
CA GLU D 20 16.12 -8.37 40.37
C GLU D 20 17.37 -9.11 39.92
N LYS D 21 18.52 -8.60 40.36
CA LYS D 21 19.81 -9.19 40.03
C LYS D 21 20.72 -9.11 41.23
N THR D 22 21.46 -10.18 41.49
CA THR D 22 22.40 -10.22 42.61
C THR D 22 23.68 -10.95 42.24
N GLY D 36 26.07 -11.29 30.96
CA GLY D 36 24.68 -11.69 31.05
C GLY D 36 23.71 -10.58 30.68
N VAL D 37 22.65 -10.94 29.96
CA VAL D 37 21.64 -9.99 29.53
C VAL D 37 20.29 -10.43 30.10
N LEU D 38 19.62 -9.52 30.80
CA LEU D 38 18.31 -9.78 31.38
C LEU D 38 17.30 -8.82 30.78
N TYR D 39 16.20 -9.36 30.27
CA TYR D 39 15.17 -8.56 29.62
C TYR D 39 13.82 -8.86 30.26
N VAL D 40 13.11 -7.80 30.65
CA VAL D 40 11.76 -7.90 31.18
C VAL D 40 10.90 -6.87 30.48
N GLY D 41 9.77 -7.30 29.94
CA GLY D 41 8.88 -6.39 29.23
C GLY D 41 7.43 -6.77 29.44
N SER D 42 6.56 -5.78 29.26
CA SER D 42 5.12 -5.99 29.39
C SER D 42 4.43 -4.99 28.45
N LYS D 43 4.04 -5.47 27.28
CA LYS D 43 3.43 -4.64 26.25
C LYS D 43 1.94 -4.93 26.18
N THR D 44 1.17 -3.92 25.77
CA THR D 44 -0.28 -4.04 25.69
C THR D 44 -0.79 -3.06 24.64
N LYS D 45 -1.67 -3.55 23.76
CA LYS D 45 -2.27 -2.72 22.72
C LYS D 45 -3.79 -2.89 22.74
N GLU D 46 -4.50 -1.77 22.57
CA GLU D 46 -5.95 -1.77 22.51
C GLU D 46 -6.39 -0.75 21.47
N GLY D 47 -7.10 -1.20 20.46
CA GLY D 47 -7.56 -0.32 19.40
C GLY D 47 -6.44 0.34 18.63
N VAL D 48 -5.65 -0.44 17.90
CA VAL D 48 -4.50 0.08 17.17
C VAL D 48 -4.57 -0.42 15.73
N VAL D 49 -4.39 0.48 14.78
CA VAL D 49 -4.32 0.15 13.36
C VAL D 49 -2.97 0.63 12.83
N HIS D 50 -2.26 -0.26 12.13
CA HIS D 50 -0.97 0.12 11.58
C HIS D 50 -0.64 -0.76 10.38
N GLY D 51 0.40 -0.36 9.65
CA GLY D 51 0.86 -1.12 8.50
C GLY D 51 -0.15 -1.22 7.38
N VAL D 52 -0.79 -0.10 7.02
CA VAL D 52 -1.85 -0.07 6.03
C VAL D 52 -1.37 0.70 4.81
N ALA D 53 -1.49 0.08 3.64
CA ALA D 53 -1.17 0.71 2.37
C ALA D 53 -2.38 0.64 1.45
N THR D 54 -2.82 1.78 0.95
CA THR D 54 -4.01 1.88 0.13
C THR D 54 -3.70 2.62 -1.16
N VAL D 55 -4.14 2.08 -2.28
CA VAL D 55 -3.99 2.71 -3.59
C VAL D 55 -5.36 2.76 -4.26
N ALA D 56 -5.76 3.95 -4.71
CA ALA D 56 -7.03 4.15 -5.37
C ALA D 56 -6.80 4.84 -6.71
N GLU D 57 -7.61 4.48 -7.71
CA GLU D 57 -7.46 5.03 -9.05
C GLU D 57 -8.84 5.17 -9.67
N LYS D 58 -9.20 6.42 -10.02
CA LYS D 58 -10.42 6.72 -10.77
C LYS D 58 -11.68 6.24 -10.05
N THR D 59 -11.67 6.26 -8.72
CA THR D 59 -12.86 5.89 -7.97
C THR D 59 -13.90 7.01 -8.08
N LYS D 60 -15.13 6.64 -8.41
CA LYS D 60 -16.21 7.60 -8.59
C LYS D 60 -17.31 7.30 -7.58
N GLU D 61 -17.79 8.35 -6.91
CA GLU D 61 -18.84 8.23 -5.91
C GLU D 61 -19.87 9.32 -6.13
N GLN D 62 -21.10 9.04 -5.70
CA GLN D 62 -22.20 9.99 -5.84
C GLN D 62 -23.22 9.70 -4.75
N VAL D 63 -23.46 10.68 -3.88
CA VAL D 63 -24.36 10.53 -2.74
C VAL D 63 -25.46 11.58 -2.87
N THR D 64 -26.71 11.13 -2.77
CA THR D 64 -27.88 12.02 -2.78
C THR D 64 -28.73 11.67 -1.56
N ASN D 65 -28.77 12.57 -0.58
CA ASN D 65 -29.48 12.36 0.66
C ASN D 65 -30.55 13.41 0.85
N VAL D 66 -31.74 12.99 1.26
CA VAL D 66 -32.87 13.87 1.51
C VAL D 66 -33.40 13.53 2.90
N GLY D 67 -32.98 14.29 3.90
CA GLY D 67 -33.46 14.10 5.26
C GLY D 67 -33.08 12.79 5.90
N GLY D 68 -31.84 12.34 5.71
CA GLY D 68 -31.38 11.12 6.33
C GLY D 68 -29.96 11.21 6.85
N ALA D 69 -29.19 10.14 6.71
CA ALA D 69 -27.81 10.12 7.14
C ALA D 69 -27.03 9.12 6.30
N VAL D 70 -25.90 9.55 5.76
CA VAL D 70 -25.04 8.72 4.92
C VAL D 70 -23.61 8.82 5.44
N VAL D 71 -22.97 7.68 5.62
CA VAL D 71 -21.58 7.60 6.06
C VAL D 71 -20.82 6.73 5.06
N THR D 72 -19.66 7.21 4.61
CA THR D 72 -18.84 6.46 3.66
C THR D 72 -17.40 6.93 3.78
N GLY D 73 -16.51 6.17 3.15
CA GLY D 73 -15.10 6.51 3.09
C GLY D 73 -14.39 6.57 4.42
N VAL D 74 -14.61 5.56 5.26
CA VAL D 74 -13.95 5.46 6.56
C VAL D 74 -12.82 4.44 6.43
N THR D 75 -11.60 4.85 6.76
CA THR D 75 -10.43 4.00 6.63
C THR D 75 -9.43 4.35 7.72
N ALA D 76 -8.79 3.31 8.28
CA ALA D 76 -7.72 3.46 9.27
C ALA D 76 -8.17 4.31 10.46
N VAL D 77 -9.18 3.80 11.16
CA VAL D 77 -9.77 4.48 12.31
C VAL D 77 -9.62 3.58 13.53
N ALA D 78 -9.06 4.14 14.60
CA ALA D 78 -8.89 3.44 15.87
C ALA D 78 -9.46 4.27 17.00
N GLN D 79 -10.17 3.62 17.92
CA GLN D 79 -10.80 4.34 19.02
C GLN D 79 -10.86 3.43 20.25
N LYS D 80 -10.56 4.00 21.42
CA LYS D 80 -10.69 3.32 22.70
C LYS D 80 -11.58 4.17 23.59
N THR D 81 -12.66 3.57 24.10
CA THR D 81 -13.64 4.27 24.92
C THR D 81 -13.79 3.55 26.25
N VAL D 82 -13.81 4.31 27.34
CA VAL D 82 -13.97 3.79 28.68
C VAL D 82 -15.19 4.44 29.32
N GLU D 83 -16.08 3.62 29.87
CA GLU D 83 -17.30 4.11 30.51
C GLU D 83 -18.13 4.98 29.57
N GLY D 84 -18.28 4.52 28.34
CA GLY D 84 -19.06 5.27 27.36
C GLY D 84 -19.34 4.41 26.14
N ALA D 85 -20.29 4.87 25.35
CA ALA D 85 -20.69 4.18 24.13
C ALA D 85 -19.89 4.71 22.95
N GLY D 86 -19.14 3.82 22.29
CA GLY D 86 -18.32 4.22 21.15
C GLY D 86 -18.89 3.74 19.83
N SER D 87 -19.16 4.69 18.93
CA SER D 87 -19.71 4.38 17.61
C SER D 87 -18.74 4.85 16.54
N ILE D 88 -18.49 3.97 15.56
CA ILE D 88 -17.63 4.29 14.43
C ILE D 88 -18.44 4.09 13.15
N ALA D 89 -18.48 5.13 12.31
CA ALA D 89 -19.22 5.10 11.04
C ALA D 89 -20.67 4.69 11.25
N ALA D 90 -21.31 5.30 12.25
CA ALA D 90 -22.69 4.99 12.60
C ALA D 90 -23.62 6.05 12.04
N ALA D 91 -24.61 5.62 11.27
CA ALA D 91 -25.59 6.52 10.68
C ALA D 91 -26.96 6.22 11.27
N THR D 92 -27.64 7.25 11.76
CA THR D 92 -28.94 7.12 12.40
C THR D 92 -29.96 8.02 11.72
N GLY D 93 -31.16 7.51 11.52
CA GLY D 93 -32.23 8.30 10.97
C GLY D 93 -32.75 9.32 11.96
N PHE D 94 -33.74 10.10 11.49
CA PHE D 94 -34.28 11.16 12.33
C PHE D 94 -34.97 10.58 13.56
N VAL D 95 -34.78 11.24 14.70
CA VAL D 95 -35.29 10.78 15.98
C VAL D 95 -36.36 11.76 16.45
N LYS D 96 -37.54 11.25 16.77
CA LYS D 96 -38.65 12.09 17.22
C LYS D 96 -39.11 11.67 18.62
N VAL E 15 0.67 0.77 35.38
CA VAL E 15 1.79 0.63 34.45
C VAL E 15 3.08 1.09 35.12
N VAL E 16 3.75 0.18 35.84
CA VAL E 16 4.94 0.52 36.60
C VAL E 16 6.11 -0.29 36.04
N ALA E 17 7.31 0.08 36.47
CA ALA E 17 8.52 -0.63 36.07
C ALA E 17 9.59 -0.41 37.13
N ALA E 18 10.01 -1.49 37.79
CA ALA E 18 10.98 -1.43 38.85
C ALA E 18 12.12 -2.40 38.57
N ALA E 19 13.32 -2.04 39.04
CA ALA E 19 14.50 -2.88 38.86
C ALA E 19 15.46 -2.64 40.02
N GLU E 20 16.14 -3.69 40.44
CA GLU E 20 17.13 -3.62 41.51
C GLU E 20 18.39 -4.36 41.09
N LYS E 21 19.52 -3.86 41.54
CA LYS E 21 20.82 -4.45 41.24
C LYS E 21 21.72 -4.35 42.46
N THR E 22 22.45 -5.43 42.74
CA THR E 22 23.36 -5.46 43.88
C THR E 22 24.65 -6.19 43.53
N GLY E 36 27.23 -6.63 32.29
CA GLY E 36 25.84 -7.03 32.37
C GLY E 36 24.89 -5.92 31.98
N VAL E 37 23.84 -6.29 31.25
CA VAL E 37 22.83 -5.34 30.78
C VAL E 37 21.48 -5.77 31.33
N LEU E 38 20.79 -4.86 32.00
CA LEU E 38 19.48 -5.12 32.58
C LEU E 38 18.47 -4.15 31.95
N TYR E 39 17.38 -4.69 31.42
CA TYR E 39 16.36 -3.90 30.75
C TYR E 39 15.01 -4.20 31.37
N VAL E 40 14.29 -3.14 31.74
CA VAL E 40 12.93 -3.23 32.25
C VAL E 40 12.08 -2.19 31.52
N GLY E 41 10.96 -2.63 30.97
CA GLY E 41 10.08 -1.74 30.23
C GLY E 41 8.63 -2.11 30.42
N SER E 42 7.76 -1.12 30.22
CA SER E 42 6.32 -1.32 30.33
C SER E 42 5.65 -0.34 29.37
N LYS E 43 5.28 -0.82 28.19
CA LYS E 43 4.69 0.00 27.15
C LYS E 43 3.20 -0.30 27.06
N THR E 44 2.44 0.71 26.62
CA THR E 44 0.99 0.60 26.52
C THR E 44 0.50 1.56 25.45
N LYS E 45 -0.37 1.08 24.57
CA LYS E 45 -0.95 1.89 23.51
C LYS E 45 -2.46 1.73 23.51
N GLU E 46 -3.16 2.85 23.32
CA GLU E 46 -4.62 2.84 23.22
C GLU E 46 -5.04 3.86 22.17
N GLY E 47 -5.74 3.39 21.14
CA GLY E 47 -6.18 4.27 20.07
C GLY E 47 -5.05 4.92 19.32
N VAL E 48 -4.24 4.14 18.61
CA VAL E 48 -3.08 4.65 17.89
C VAL E 48 -3.12 4.13 16.46
N VAL E 49 -2.92 5.03 15.49
CA VAL E 49 -2.83 4.69 14.08
C VAL E 49 -1.48 5.15 13.58
N HIS E 50 -0.76 4.26 12.89
CA HIS E 50 0.54 4.64 12.36
C HIS E 50 0.89 3.74 11.17
N GLY E 51 1.94 4.14 10.46
CA GLY E 51 2.43 3.37 9.32
C GLY E 51 1.42 3.25 8.19
N VAL E 52 0.81 4.37 7.82
CA VAL E 52 -0.24 4.40 6.81
C VAL E 52 0.26 5.15 5.59
N ALA E 53 0.15 4.52 4.41
CA ALA E 53 0.50 5.14 3.14
C ALA E 53 -0.69 5.06 2.21
N THR E 54 -1.11 6.21 1.68
CA THR E 54 -2.31 6.29 0.85
C THR E 54 -1.97 7.03 -0.45
N VAL E 55 -2.39 6.47 -1.57
CA VAL E 55 -2.22 7.09 -2.88
C VAL E 55 -3.57 7.14 -3.57
N ALA E 56 -3.96 8.33 -4.04
CA ALA E 56 -5.23 8.52 -4.73
C ALA E 56 -4.97 9.20 -6.06
N GLU E 57 -5.76 8.84 -7.07
CA GLU E 57 -5.59 9.36 -8.42
C GLU E 57 -6.96 9.51 -9.07
N LYS E 58 -7.32 10.75 -9.43
CA LYS E 58 -8.52 11.04 -10.20
C LYS E 58 -9.78 10.58 -9.50
N THR E 59 -9.80 10.60 -8.17
CA THR E 59 -11.00 10.25 -7.44
C THR E 59 -12.04 11.36 -7.57
N LYS E 60 -13.26 10.99 -7.92
CA LYS E 60 -14.35 11.94 -8.13
C LYS E 60 -15.46 11.66 -7.13
N GLU E 61 -15.94 12.72 -6.48
CA GLU E 61 -17.01 12.61 -5.49
C GLU E 61 -18.05 13.69 -5.74
N GLN E 62 -19.28 13.42 -5.34
CA GLN E 62 -20.37 14.38 -5.49
C GLN E 62 -21.41 14.10 -4.42
N VAL E 63 -21.66 15.08 -3.57
CA VAL E 63 -22.59 14.94 -2.46
C VAL E 63 -23.69 15.98 -2.61
N THR E 64 -24.94 15.54 -2.52
CA THR E 64 -26.10 16.43 -2.55
C THR E 64 -26.97 16.09 -1.35
N ASN E 65 -27.02 17.01 -0.38
CA ASN E 65 -27.76 16.80 0.86
C ASN E 65 -28.84 17.87 1.00
N VAL E 66 -30.03 17.44 1.41
CA VAL E 66 -31.17 18.33 1.63
C VAL E 66 -31.71 18.01 3.02
N GLY E 67 -31.31 18.78 4.01
CA GLY E 67 -31.82 18.60 5.37
C GLY E 67 -31.45 17.29 6.03
N GLY E 68 -30.21 16.84 5.86
CA GLY E 68 -29.76 15.61 6.49
C GLY E 68 -28.34 15.72 7.04
N ALA E 69 -27.58 14.64 6.92
CA ALA E 69 -26.20 14.62 7.38
C ALA E 69 -25.41 13.62 6.55
N VAL E 70 -24.26 14.05 6.04
CA VAL E 70 -23.40 13.21 5.22
C VAL E 70 -21.97 13.31 5.76
N VAL E 71 -21.34 12.16 5.96
CA VAL E 71 -19.95 12.08 6.42
C VAL E 71 -19.17 11.21 5.45
N THR E 72 -18.01 11.69 5.01
CA THR E 72 -17.19 10.94 4.08
C THR E 72 -15.75 11.38 4.22
N GLY E 73 -14.84 10.62 3.61
CA GLY E 73 -13.44 10.97 3.57
C GLY E 73 -12.75 11.03 4.93
N VAL E 74 -12.97 10.03 5.77
CA VAL E 74 -12.34 9.94 7.07
C VAL E 74 -11.21 8.91 6.98
N THR E 75 -10.00 9.34 7.32
CA THR E 75 -8.83 8.47 7.22
C THR E 75 -7.83 8.83 8.32
N ALA E 76 -7.22 7.81 8.90
CA ALA E 76 -6.16 7.96 9.90
C ALA E 76 -6.63 8.81 11.07
N VAL E 77 -7.65 8.32 11.77
CA VAL E 77 -8.25 9.01 12.90
C VAL E 77 -8.14 8.12 14.14
N ALA E 78 -7.59 8.69 15.21
CA ALA E 78 -7.44 8.00 16.49
C ALA E 78 -8.04 8.84 17.60
N GLN E 79 -8.76 8.21 18.51
CA GLN E 79 -9.41 8.92 19.60
C GLN E 79 -9.49 8.03 20.83
N LYS E 80 -9.21 8.62 21.99
CA LYS E 80 -9.37 7.95 23.29
C LYS E 80 -10.27 8.81 24.15
N THR E 81 -11.35 8.21 24.65
CA THR E 81 -12.35 8.91 25.45
C THR E 81 -12.52 8.21 26.79
N VAL E 82 -12.56 8.98 27.87
CA VAL E 82 -12.73 8.47 29.21
C VAL E 82 -13.97 9.14 29.82
N GLU E 83 -14.88 8.31 30.35
CA GLU E 83 -16.11 8.81 30.98
C GLU E 83 -16.92 9.66 30.01
N GLY E 84 -17.03 9.21 28.78
CA GLY E 84 -17.80 9.94 27.79
C GLY E 84 -18.06 9.07 26.57
N ALA E 85 -19.00 9.53 25.75
CA ALA E 85 -19.38 8.82 24.53
C ALA E 85 -18.56 9.34 23.37
N GLY E 86 -17.80 8.46 22.73
CA GLY E 86 -16.97 8.84 21.61
C GLY E 86 -17.50 8.35 20.27
N SER E 87 -17.76 9.28 19.36
CA SER E 87 -18.29 8.96 18.04
C SER E 87 -17.30 9.42 16.98
N ILE E 88 -17.03 8.55 16.01
CA ILE E 88 -16.15 8.85 14.89
C ILE E 88 -16.94 8.64 13.60
N ALA E 89 -16.97 9.66 12.75
CA ALA E 89 -17.68 9.62 11.47
C ALA E 89 -19.14 9.22 11.66
N ALA E 90 -19.80 9.83 12.64
CA ALA E 90 -21.18 9.54 12.97
C ALA E 90 -22.10 10.60 12.38
N ALA E 91 -23.07 10.17 11.59
CA ALA E 91 -24.05 11.06 10.99
C ALA E 91 -25.43 10.75 11.56
N THR E 92 -26.12 11.79 12.02
CA THR E 92 -27.43 11.67 12.64
C THR E 92 -28.42 12.57 11.94
N GLY E 93 -29.63 12.06 11.72
CA GLY E 93 -30.69 12.83 11.14
C GLY E 93 -31.23 13.87 12.12
N PHE E 94 -32.20 14.64 11.63
CA PHE E 94 -32.76 15.71 12.45
C PHE E 94 -33.47 15.15 13.67
N VAL E 95 -33.30 15.81 14.80
CA VAL E 95 -33.84 15.37 16.09
C VAL E 95 -34.90 16.36 16.53
N LYS E 96 -36.10 15.84 16.84
CA LYS E 96 -37.20 16.68 17.26
C LYS E 96 -37.69 16.28 18.64
N VAL F 15 1.75 5.40 36.17
CA VAL F 15 2.88 5.25 35.27
C VAL F 15 4.16 5.71 35.97
N VAL F 16 4.81 4.80 36.70
CA VAL F 16 5.99 5.13 37.48
C VAL F 16 7.17 4.32 36.94
N ALA F 17 8.37 4.69 37.41
CA ALA F 17 9.59 3.98 37.03
C ALA F 17 10.63 4.19 38.11
N ALA F 18 11.03 3.11 38.77
CA ALA F 18 11.99 3.18 39.86
C ALA F 18 13.13 2.21 39.61
N ALA F 19 14.31 2.57 40.10
CA ALA F 19 15.49 1.72 39.95
C ALA F 19 16.43 1.96 41.12
N GLU F 20 17.10 0.90 41.56
CA GLU F 20 18.06 0.98 42.65
C GLU F 20 19.33 0.23 42.26
N LYS F 21 20.47 0.74 42.73
CA LYS F 21 21.76 0.13 42.45
C LYS F 21 22.64 0.24 43.68
N THR F 22 23.36 -0.84 43.99
CA THR F 22 24.24 -0.87 45.14
C THR F 22 25.54 -1.61 44.82
N GLY F 36 28.34 -2.11 33.65
CA GLY F 36 26.95 -2.51 33.70
C GLY F 36 26.00 -1.40 33.28
N VAL F 37 24.97 -1.76 32.52
CA VAL F 37 23.97 -0.81 32.04
C VAL F 37 22.61 -1.24 32.57
N LEU F 38 21.91 -0.32 33.22
CA LEU F 38 20.59 -0.57 33.77
C LEU F 38 19.60 0.40 33.12
N TYR F 39 18.52 -0.14 32.58
CA TYR F 39 17.51 0.65 31.87
C TYR F 39 16.14 0.37 32.47
N VAL F 40 15.42 1.43 32.82
CA VAL F 40 14.06 1.34 33.31
C VAL F 40 13.22 2.37 32.56
N GLY F 41 12.11 1.95 31.98
CA GLY F 41 11.25 2.83 31.22
C GLY F 41 9.79 2.47 31.39
N SER F 42 8.93 3.47 31.17
CA SER F 42 7.49 3.26 31.25
C SER F 42 6.84 4.25 30.28
N LYS F 43 6.50 3.76 29.09
CA LYS F 43 5.92 4.58 28.03
C LYS F 43 4.43 4.29 27.91
N THR F 44 3.69 5.30 27.46
CA THR F 44 2.24 5.18 27.32
C THR F 44 1.77 6.15 26.24
N LYS F 45 0.92 5.66 25.34
CA LYS F 45 0.36 6.48 24.27
C LYS F 45 -1.15 6.32 24.24
N GLU F 46 -1.84 7.43 24.03
CA GLU F 46 -3.30 7.44 23.91
C GLU F 46 -3.69 8.45 22.85
N GLY F 47 -4.38 7.99 21.81
CA GLY F 47 -4.79 8.86 20.72
C GLY F 47 -3.64 9.50 19.99
N VAL F 48 -2.81 8.71 19.31
CA VAL F 48 -1.64 9.22 18.60
C VAL F 48 -1.67 8.69 17.18
N VAL F 49 -1.45 9.58 16.21
CA VAL F 49 -1.33 9.23 14.80
C VAL F 49 0.04 9.69 14.32
N HIS F 50 0.77 8.80 13.65
CA HIS F 50 2.09 9.16 13.14
C HIS F 50 2.46 8.26 11.98
N GLY F 51 3.52 8.64 11.27
CA GLY F 51 4.02 7.88 10.15
C GLY F 51 3.04 7.77 9.00
N VAL F 52 2.44 8.88 8.60
CA VAL F 52 1.41 8.91 7.58
C VAL F 52 1.94 9.65 6.36
N ALA F 53 1.85 9.02 5.19
CA ALA F 53 2.23 9.63 3.92
C ALA F 53 1.05 9.55 2.97
N THR F 54 0.64 10.69 2.43
CA THR F 54 -0.53 10.77 1.57
C THR F 54 -0.17 11.51 0.29
N VAL F 55 -0.57 10.95 -0.85
CA VAL F 55 -0.37 11.56 -2.15
C VAL F 55 -1.71 11.61 -2.87
N ALA F 56 -2.09 12.80 -3.35
CA ALA F 56 -3.33 12.99 -4.07
C ALA F 56 -3.04 13.66 -5.40
N GLU F 57 -3.82 13.30 -6.42
CA GLU F 57 -3.63 13.82 -7.77
C GLU F 57 -4.98 13.97 -8.44
N LYS F 58 -5.32 15.21 -8.82
CA LYS F 58 -6.51 15.51 -9.62
C LYS F 58 -7.80 15.05 -8.94
N THR F 59 -7.83 15.08 -7.61
CA THR F 59 -9.05 14.74 -6.89
C THR F 59 -10.08 15.85 -7.07
N LYS F 60 -11.30 15.48 -7.43
CA LYS F 60 -12.38 16.43 -7.67
C LYS F 60 -13.51 16.16 -6.69
N GLU F 61 -14.00 17.21 -6.05
CA GLU F 61 -15.08 17.11 -5.09
C GLU F 61 -16.10 18.21 -5.36
N GLN F 62 -17.35 17.95 -4.97
CA GLN F 62 -18.43 18.90 -5.16
C GLN F 62 -19.50 18.63 -4.12
N VAL F 63 -19.76 19.62 -3.27
CA VAL F 63 -20.72 19.48 -2.17
C VAL F 63 -21.80 20.53 -2.34
N THR F 64 -23.06 20.09 -2.27
CA THR F 64 -24.21 20.99 -2.34
C THR F 64 -25.11 20.66 -1.15
N ASN F 65 -25.18 21.58 -0.19
CA ASN F 65 -25.94 21.38 1.04
C ASN F 65 -27.02 22.45 1.17
N VAL F 66 -28.22 22.03 1.55
CA VAL F 66 -29.36 22.92 1.74
C VAL F 66 -29.94 22.60 3.11
N GLY F 67 -29.54 23.38 4.12
CA GLY F 67 -30.08 23.22 5.46
C GLY F 67 -29.73 21.91 6.14
N GLY F 68 -28.48 21.45 6.00
CA GLY F 68 -28.06 20.23 6.64
C GLY F 68 -26.65 20.32 7.21
N ALA F 69 -25.89 19.24 7.11
CA ALA F 69 -24.52 19.22 7.60
C ALA F 69 -23.72 18.21 6.79
N VAL F 70 -22.56 18.63 6.29
CA VAL F 70 -21.68 17.78 5.50
C VAL F 70 -20.27 17.89 6.07
N VAL F 71 -19.63 16.74 6.29
CA VAL F 71 -18.26 16.66 6.78
C VAL F 71 -17.47 15.78 5.82
N THR F 72 -16.30 16.24 5.41
CA THR F 72 -15.46 15.48 4.50
C THR F 72 -14.01 15.94 4.67
N GLY F 73 -13.10 15.16 4.07
CA GLY F 73 -11.69 15.51 4.06
C GLY F 73 -11.04 15.57 5.42
N VAL F 74 -11.28 14.58 6.26
CA VAL F 74 -10.67 14.49 7.58
C VAL F 74 -9.54 13.47 7.51
N THR F 75 -8.33 13.88 7.88
CA THR F 75 -7.17 13.02 7.80
C THR F 75 -6.20 13.37 8.92
N ALA F 76 -5.59 12.34 9.52
CA ALA F 76 -4.55 12.50 10.54
C ALA F 76 -5.05 13.36 11.71
N VAL F 77 -6.08 12.88 12.38
CA VAL F 77 -6.71 13.57 13.50
C VAL F 77 -6.61 12.69 14.74
N ALA F 78 -6.08 13.26 15.82
CA ALA F 78 -5.97 12.57 17.10
C ALA F 78 -6.58 13.43 18.19
N GLN F 79 -7.32 12.80 19.09
CA GLN F 79 -7.98 13.51 20.17
C GLN F 79 -8.09 12.63 21.41
N LYS F 80 -7.83 13.22 22.57
CA LYS F 80 -8.02 12.56 23.85
C LYS F 80 -8.94 13.42 24.71
N THR F 81 -10.03 12.84 25.18
CA THR F 81 -11.04 13.54 25.96
C THR F 81 -11.24 12.84 27.30
N VAL F 82 -11.29 13.63 28.37
CA VAL F 82 -11.50 13.12 29.71
C VAL F 82 -12.74 13.79 30.29
N GLU F 83 -13.66 12.98 30.82
CA GLU F 83 -14.90 13.48 31.42
C GLU F 83 -15.69 14.33 30.44
N GLY F 84 -15.79 13.87 29.20
CA GLY F 84 -16.53 14.60 28.19
C GLY F 84 -16.77 13.73 26.97
N ALA F 85 -17.70 14.18 26.13
CA ALA F 85 -18.06 13.47 24.91
C ALA F 85 -17.21 13.99 23.75
N GLY F 86 -16.44 13.09 23.14
CA GLY F 86 -15.59 13.47 22.04
C GLY F 86 -16.09 12.98 20.69
N SER F 87 -16.33 13.91 19.77
CA SER F 87 -16.84 13.58 18.44
C SER F 87 -15.84 14.03 17.39
N ILE F 88 -15.54 13.15 16.44
CA ILE F 88 -14.64 13.45 15.32
C ILE F 88 -15.41 13.24 14.03
N ALA F 89 -15.42 14.26 13.17
CA ALA F 89 -16.10 14.21 11.88
C ALA F 89 -17.56 13.81 12.04
N ALA F 90 -18.23 14.43 13.01
CA ALA F 90 -19.63 14.14 13.30
C ALA F 90 -20.53 15.21 12.70
N ALA F 91 -21.49 14.78 11.90
CA ALA F 91 -22.46 15.67 11.26
C ALA F 91 -23.85 15.38 11.81
N THR F 92 -24.54 16.42 12.26
CA THR F 92 -25.86 16.30 12.85
C THR F 92 -26.84 17.20 12.12
N GLY F 93 -28.04 16.69 11.89
CA GLY F 93 -29.09 17.47 11.28
C GLY F 93 -29.64 18.51 12.24
N PHE F 94 -30.60 19.29 11.74
CA PHE F 94 -31.17 20.36 12.54
C PHE F 94 -31.91 19.80 13.74
N VAL F 95 -31.76 20.48 14.89
CA VAL F 95 -32.32 20.04 16.15
C VAL F 95 -33.40 21.03 16.57
N LYS F 96 -34.58 20.53 16.85
CA LYS F 96 -35.70 21.37 17.25
C LYS F 96 -36.21 20.98 18.63
N VAL G 15 -4.16 -2.89 -35.94
CA VAL G 15 -5.14 -2.55 -34.91
C VAL G 15 -5.74 -1.17 -35.18
N VAL G 16 -6.80 -1.13 -35.99
CA VAL G 16 -7.41 0.12 -36.40
C VAL G 16 -8.85 0.15 -35.89
N ALA G 17 -9.46 1.33 -35.99
CA ALA G 17 -10.86 1.49 -35.58
C ALA G 17 -11.43 2.68 -36.34
N ALA G 18 -12.43 2.43 -37.18
CA ALA G 18 -13.04 3.46 -38.00
C ALA G 18 -14.55 3.45 -37.80
N ALA G 19 -15.16 4.62 -37.93
CA ALA G 19 -16.60 4.76 -37.79
C ALA G 19 -17.08 5.93 -38.63
N GLU G 20 -18.27 5.79 -39.21
CA GLU G 20 -18.88 6.82 -40.02
C GLU G 20 -20.33 7.00 -39.62
N LYS G 21 -20.81 8.24 -39.70
CA LYS G 21 -22.18 8.57 -39.34
C LYS G 21 -22.71 9.63 -40.30
N THR G 22 -23.95 9.45 -40.74
CA THR G 22 -24.57 10.40 -41.66
C THR G 22 -26.04 10.62 -41.31
N GLY G 36 -28.94 8.32 -30.38
CA GLY G 36 -28.16 7.16 -30.81
C GLY G 36 -26.74 7.17 -30.30
N VAL G 37 -26.25 6.00 -29.90
CA VAL G 37 -24.90 5.83 -29.38
C VAL G 37 -24.17 4.83 -30.26
N LEU G 38 -23.00 5.24 -30.76
CA LEU G 38 -22.17 4.40 -31.61
C LEU G 38 -20.82 4.20 -30.92
N TYR G 39 -20.41 2.95 -30.77
CA TYR G 39 -19.17 2.61 -30.09
C TYR G 39 -18.33 1.72 -31.01
N VAL G 40 -17.06 2.11 -31.19
CA VAL G 40 -16.09 1.33 -31.93
C VAL G 40 -14.81 1.24 -31.11
N GLY G 41 -14.31 0.04 -30.91
CA GLY G 41 -13.11 -0.16 -30.12
C GLY G 41 -12.27 -1.30 -30.67
N SER G 42 -10.98 -1.25 -30.35
CA SER G 42 -10.04 -2.29 -30.77
C SER G 42 -8.95 -2.37 -29.70
N LYS G 43 -9.08 -3.33 -28.80
CA LYS G 43 -8.15 -3.50 -27.69
C LYS G 43 -7.24 -4.69 -27.95
N THR G 44 -6.03 -4.64 -27.39
CA THR G 44 -5.04 -5.70 -27.58
C THR G 44 -4.10 -5.70 -26.40
N LYS G 45 -3.84 -6.90 -25.84
CA LYS G 45 -2.93 -7.06 -24.72
C LYS G 45 -1.93 -8.16 -25.04
N GLU G 46 -0.67 -7.92 -24.67
CA GLU G 46 0.41 -8.89 -24.85
C GLU G 46 1.32 -8.81 -23.64
N GLY G 47 1.46 -9.92 -22.93
CA GLY G 47 2.32 -9.97 -21.75
C GLY G 47 1.87 -9.02 -20.65
N VAL G 48 0.71 -9.27 -20.06
CA VAL G 48 0.14 -8.40 -19.03
C VAL G 48 -0.26 -9.26 -17.84
N VAL G 49 0.14 -8.82 -16.64
CA VAL G 49 -0.24 -9.46 -15.39
C VAL G 49 -0.96 -8.43 -14.53
N HIS G 50 -2.13 -8.79 -14.01
CA HIS G 50 -2.88 -7.87 -13.18
C HIS G 50 -3.80 -8.64 -12.25
N GLY G 51 -4.37 -7.92 -11.28
CA GLY G 51 -5.30 -8.50 -10.34
C GLY G 51 -4.71 -9.61 -9.48
N VAL G 52 -3.53 -9.37 -8.92
CA VAL G 52 -2.80 -10.36 -8.14
C VAL G 52 -2.74 -9.92 -6.69
N ALA G 53 -3.15 -10.80 -5.78
CA ALA G 53 -3.07 -10.57 -4.35
C ALA G 53 -2.30 -11.71 -3.71
N THR G 54 -1.24 -11.38 -2.96
CA THR G 54 -0.37 -12.36 -2.36
C THR G 54 -0.19 -12.05 -0.88
N VAL G 55 -0.33 -13.08 -0.05
CA VAL G 55 -0.12 -12.98 1.40
C VAL G 55 0.87 -14.05 1.81
N ALA G 56 1.92 -13.64 2.51
CA ALA G 56 2.95 -14.56 3.00
C ALA G 56 3.13 -14.37 4.50
N GLU G 57 3.41 -15.47 5.20
CA GLU G 57 3.56 -15.43 6.65
C GLU G 57 4.63 -16.43 7.06
N LYS G 58 5.69 -15.94 7.68
CA LYS G 58 6.74 -16.77 8.27
C LYS G 58 7.41 -17.69 7.27
N THR G 59 7.52 -17.24 6.01
CA THR G 59 8.22 -18.02 5.01
C THR G 59 9.71 -17.98 5.27
N LYS G 60 10.35 -19.15 5.27
CA LYS G 60 11.77 -19.27 5.54
C LYS G 60 12.47 -19.86 4.33
N GLU G 61 13.57 -19.24 3.92
CA GLU G 61 14.34 -19.68 2.77
C GLU G 61 15.83 -19.68 3.13
N GLN G 62 16.58 -20.55 2.44
CA GLN G 62 18.01 -20.65 2.67
C GLN G 62 18.66 -21.18 1.40
N VAL G 63 19.56 -20.38 0.82
CA VAL G 63 20.22 -20.72 -0.43
C VAL G 63 21.72 -20.76 -0.19
N THR G 64 22.36 -21.85 -0.63
CA THR G 64 23.81 -22.01 -0.55
C THR G 64 24.30 -22.40 -1.93
N ASN G 65 25.02 -21.50 -2.59
CA ASN G 65 25.49 -21.71 -3.96
C ASN G 65 27.01 -21.63 -3.98
N VAL G 66 27.63 -22.57 -4.71
CA VAL G 66 29.08 -22.64 -4.86
C VAL G 66 29.36 -22.76 -6.35
N GLY G 67 29.64 -21.64 -7.01
CA GLY G 67 29.97 -21.64 -8.42
C GLY G 67 28.86 -22.08 -9.35
N GLY G 68 27.63 -21.64 -9.10
CA GLY G 68 26.52 -21.98 -9.96
C GLY G 68 25.58 -20.81 -10.19
N ALA G 69 24.27 -21.09 -10.25
CA ALA G 69 23.27 -20.05 -10.44
C ALA G 69 21.96 -20.50 -9.80
N VAL G 70 21.37 -19.63 -8.99
CA VAL G 70 20.12 -19.91 -8.30
C VAL G 70 19.18 -18.74 -8.53
N VAL G 71 17.94 -19.05 -8.93
CA VAL G 71 16.90 -18.04 -9.14
C VAL G 71 15.67 -18.46 -8.34
N THR G 72 15.11 -17.52 -7.58
CA THR G 72 13.94 -17.80 -6.76
C THR G 72 13.19 -16.50 -6.51
N GLY G 73 11.97 -16.64 -5.99
CA GLY G 73 11.16 -15.50 -5.60
C GLY G 73 10.78 -14.57 -6.74
N VAL G 74 10.32 -15.13 -7.85
CA VAL G 74 9.87 -14.34 -9.00
C VAL G 74 8.35 -14.34 -8.99
N THR G 75 7.75 -13.15 -8.98
CA THR G 75 6.31 -13.02 -8.92
C THR G 75 5.88 -11.77 -9.68
N ALA G 76 4.77 -11.88 -10.41
CA ALA G 76 4.16 -10.75 -11.12
C ALA G 76 5.15 -10.09 -12.07
N VAL G 77 5.61 -10.87 -13.05
CA VAL G 77 6.59 -10.41 -14.02
C VAL G 77 5.98 -10.54 -15.42
N ALA G 78 6.02 -9.44 -16.18
CA ALA G 78 5.53 -9.41 -17.54
C ALA G 78 6.61 -8.84 -18.46
N GLN G 79 6.77 -9.46 -19.64
CA GLN G 79 7.79 -9.03 -20.58
C GLN G 79 7.32 -9.28 -21.99
N LYS G 80 7.58 -8.32 -22.87
CA LYS G 80 7.33 -8.46 -24.31
C LYS G 80 8.63 -8.18 -25.04
N THR G 81 9.06 -9.13 -25.88
CA THR G 81 10.31 -9.03 -26.61
C THR G 81 10.04 -9.18 -28.10
N VAL G 82 10.66 -8.32 -28.90
CA VAL G 82 10.53 -8.35 -30.36
C VAL G 82 11.92 -8.49 -30.95
N GLU G 83 12.08 -9.47 -31.85
CA GLU G 83 13.36 -9.73 -32.52
C GLU G 83 14.48 -9.98 -31.53
N GLY G 84 14.18 -10.78 -30.51
CA GLY G 84 15.17 -11.10 -29.50
C GLY G 84 14.71 -12.26 -28.64
N ALA G 85 15.66 -12.83 -27.91
CA ALA G 85 15.40 -13.97 -27.03
C ALA G 85 15.07 -13.45 -25.64
N GLY G 86 13.87 -13.78 -25.15
CA GLY G 86 13.44 -13.34 -23.84
C GLY G 86 13.43 -14.46 -22.81
N SER G 87 14.19 -14.30 -21.73
CA SER G 87 14.29 -15.29 -20.67
C SER G 87 13.80 -14.68 -19.37
N ILE G 88 12.95 -15.42 -18.66
CA ILE G 88 12.44 -15.01 -17.35
C ILE G 88 12.80 -16.10 -16.34
N ALA G 89 13.46 -15.68 -15.26
CA ALA G 89 13.87 -16.60 -14.19
C ALA G 89 14.69 -17.76 -14.74
N ALA G 90 15.65 -17.44 -15.60
CA ALA G 90 16.49 -18.44 -16.25
C ALA G 90 17.85 -18.50 -15.55
N ALA G 91 18.24 -19.69 -15.12
CA ALA G 91 19.51 -19.92 -14.46
C ALA G 91 20.36 -20.83 -15.34
N THR G 92 21.60 -20.42 -15.60
CA THR G 92 22.51 -21.15 -16.46
C THR G 92 23.82 -21.41 -15.72
N GLY G 93 24.35 -22.61 -15.87
CA GLY G 93 25.62 -22.96 -15.28
C GLY G 93 26.77 -22.28 -16.02
N PHE G 94 27.98 -22.55 -15.51
CA PHE G 94 29.16 -21.91 -16.08
C PHE G 94 29.38 -22.36 -17.52
N VAL G 95 29.77 -21.41 -18.37
CA VAL G 95 29.95 -21.65 -19.80
C VAL G 95 31.43 -21.53 -20.13
N LYS G 96 31.98 -22.54 -20.77
CA LYS G 96 33.38 -22.56 -21.14
C LYS G 96 33.57 -22.69 -22.64
N VAL H 15 -1.84 1.26 -35.19
CA VAL H 15 -2.82 1.60 -34.18
C VAL H 15 -3.41 2.98 -34.48
N VAL H 16 -4.46 3.02 -35.30
CA VAL H 16 -5.06 4.27 -35.73
C VAL H 16 -6.50 4.31 -35.25
N ALA H 17 -7.11 5.49 -35.36
CA ALA H 17 -8.51 5.67 -34.97
C ALA H 17 -9.07 6.86 -35.75
N ALA H 18 -10.06 6.59 -36.61
CA ALA H 18 -10.66 7.62 -37.45
C ALA H 18 -12.16 7.61 -37.27
N ALA H 19 -12.77 8.79 -37.42
CA ALA H 19 -14.21 8.93 -37.31
C ALA H 19 -14.67 10.09 -38.17
N GLU H 20 -15.86 9.95 -38.76
CA GLU H 20 -16.45 10.99 -39.58
C GLU H 20 -17.91 11.17 -39.20
N LYS H 21 -18.38 12.41 -39.30
CA LYS H 21 -19.75 12.75 -38.97
C LYS H 21 -20.27 13.81 -39.95
N THR H 22 -21.50 13.63 -40.40
CA THR H 22 -22.11 14.56 -41.34
C THR H 22 -23.57 14.80 -41.01
N GLY H 36 -26.63 12.61 -30.11
CA GLY H 36 -25.86 11.45 -30.52
C GLY H 36 -24.45 11.46 -29.98
N VAL H 37 -23.97 10.29 -29.56
CA VAL H 37 -22.63 10.12 -29.02
C VAL H 37 -21.88 9.12 -29.88
N LEU H 38 -20.72 9.52 -30.37
CA LEU H 38 -19.87 8.66 -31.19
C LEU H 38 -18.53 8.46 -30.49
N TYR H 39 -18.13 7.21 -30.33
CA TYR H 39 -16.90 6.87 -29.62
C TYR H 39 -16.04 5.97 -30.51
N VAL H 40 -14.77 6.35 -30.67
CA VAL H 40 -13.80 5.55 -31.40
C VAL H 40 -12.53 5.48 -30.56
N GLY H 41 -12.03 4.27 -30.34
CA GLY H 41 -10.85 4.07 -29.53
C GLY H 41 -10.01 2.92 -30.05
N SER H 42 -8.72 2.98 -29.72
CA SER H 42 -7.78 1.92 -30.11
C SER H 42 -6.70 1.86 -29.03
N LYS H 43 -6.85 0.90 -28.12
CA LYS H 43 -5.93 0.74 -27.00
C LYS H 43 -5.04 -0.47 -27.23
N THR H 44 -3.84 -0.41 -26.65
CA THR H 44 -2.86 -1.47 -26.82
C THR H 44 -1.93 -1.47 -25.62
N LYS H 45 -1.68 -2.65 -25.05
CA LYS H 45 -0.78 -2.81 -23.93
C LYS H 45 0.22 -3.91 -24.21
N GLU H 46 1.48 -3.67 -23.83
CA GLU H 46 2.54 -4.66 -23.98
C GLU H 46 3.45 -4.57 -22.76
N GLY H 47 3.58 -5.67 -22.03
CA GLY H 47 4.41 -5.71 -20.85
C GLY H 47 3.95 -4.75 -19.76
N VAL H 48 2.77 -4.99 -19.19
CA VAL H 48 2.21 -4.11 -18.17
C VAL H 48 1.78 -4.95 -16.97
N VAL H 49 2.17 -4.50 -15.78
CA VAL H 49 1.76 -5.13 -14.53
C VAL H 49 1.03 -4.08 -13.69
N HIS H 50 -0.15 -4.44 -13.18
CA HIS H 50 -0.90 -3.50 -12.36
C HIS H 50 -1.84 -4.26 -11.44
N GLY H 51 -2.42 -3.54 -10.49
CA GLY H 51 -3.36 -4.10 -9.55
C GLY H 51 -2.79 -5.20 -8.68
N VAL H 52 -1.62 -4.95 -8.09
CA VAL H 52 -0.91 -5.95 -7.31
C VAL H 52 -0.86 -5.49 -5.86
N ALA H 53 -1.30 -6.36 -4.95
CA ALA H 53 -1.23 -6.11 -3.52
C ALA H 53 -0.48 -7.25 -2.86
N THR H 54 0.57 -6.92 -2.10
CA THR H 54 1.43 -7.90 -1.47
C THR H 54 1.58 -7.58 0.00
N VAL H 55 1.44 -8.60 0.85
CA VAL H 55 1.62 -8.48 2.29
C VAL H 55 2.61 -9.55 2.74
N ALA H 56 3.65 -9.14 3.45
CA ALA H 56 4.66 -10.06 3.96
C ALA H 56 4.82 -9.85 5.45
N GLU H 57 5.09 -10.94 6.18
CA GLU H 57 5.22 -10.90 7.62
C GLU H 57 6.27 -11.90 8.06
N LYS H 58 7.33 -11.39 8.70
CA LYS H 58 8.37 -12.23 9.31
C LYS H 58 9.04 -13.16 8.32
N THR H 59 9.17 -12.73 7.07
CA THR H 59 9.88 -13.52 6.08
C THR H 59 11.38 -13.48 6.36
N LYS H 60 12.01 -14.65 6.39
CA LYS H 60 13.43 -14.77 6.68
C LYS H 60 14.14 -15.38 5.48
N GLU H 61 15.25 -14.76 5.08
CA GLU H 61 16.05 -15.23 3.95
C GLU H 61 17.51 -15.23 4.33
N GLN H 62 18.27 -16.10 3.66
CA GLN H 62 19.71 -16.22 3.91
C GLN H 62 20.37 -16.75 2.66
N VAL H 63 21.28 -15.97 2.08
CA VAL H 63 21.96 -16.31 0.84
C VAL H 63 23.45 -16.36 1.11
N THR H 64 24.08 -17.47 0.69
CA THR H 64 25.53 -17.63 0.79
C THR H 64 26.05 -18.04 -0.58
N ASN H 65 26.78 -17.14 -1.24
CA ASN H 65 27.27 -17.37 -2.59
C ASN H 65 28.79 -17.30 -2.60
N VAL H 66 29.41 -18.25 -3.30
CA VAL H 66 30.87 -18.32 -3.45
C VAL H 66 31.17 -18.46 -4.93
N GLY H 67 31.45 -17.34 -5.59
CA GLY H 67 31.81 -17.37 -7.00
C GLY H 67 30.72 -17.81 -7.94
N GLY H 68 29.49 -17.36 -7.71
CA GLY H 68 28.38 -17.70 -8.58
C GLY H 68 27.45 -16.53 -8.83
N ALA H 69 26.15 -16.81 -8.91
CA ALA H 69 25.16 -15.77 -9.13
C ALA H 69 23.83 -16.20 -8.51
N VAL H 70 23.24 -15.32 -7.71
CA VAL H 70 21.97 -15.60 -7.04
C VAL H 70 21.03 -14.41 -7.29
N VAL H 71 19.80 -14.71 -7.70
CA VAL H 71 18.77 -13.72 -7.94
C VAL H 71 17.53 -14.12 -7.14
N THR H 72 16.96 -13.17 -6.41
CA THR H 72 15.77 -13.44 -5.61
C THR H 72 15.03 -12.14 -5.39
N GLY H 73 13.80 -12.27 -4.88
CA GLY H 73 13.00 -11.12 -4.52
C GLY H 73 12.64 -10.20 -5.66
N VAL H 74 12.19 -10.76 -6.78
CA VAL H 74 11.76 -9.99 -7.94
C VAL H 74 10.23 -9.98 -7.95
N THR H 75 9.65 -8.79 -7.96
CA THR H 75 8.20 -8.65 -7.92
C THR H 75 7.79 -7.41 -8.70
N ALA H 76 6.68 -7.52 -9.44
CA ALA H 76 6.09 -6.40 -10.18
C ALA H 76 7.10 -5.75 -11.12
N VAL H 77 7.57 -6.53 -12.09
CA VAL H 77 8.57 -6.09 -13.05
C VAL H 77 7.98 -6.22 -14.45
N ALA H 78 8.04 -5.14 -15.22
CA ALA H 78 7.56 -5.12 -16.59
C ALA H 78 8.66 -4.57 -17.49
N GLN H 79 8.83 -5.19 -18.66
CA GLN H 79 9.87 -4.78 -19.60
C GLN H 79 9.42 -5.05 -21.02
N LYS H 80 9.69 -4.10 -21.91
CA LYS H 80 9.46 -4.24 -23.34
C LYS H 80 10.78 -3.98 -24.06
N THR H 81 11.21 -4.94 -24.88
CA THR H 81 12.48 -4.86 -25.59
C THR H 81 12.23 -5.03 -27.09
N VAL H 82 12.86 -4.16 -27.89
CA VAL H 82 12.76 -4.21 -29.35
C VAL H 82 14.15 -4.37 -29.92
N GLU H 83 14.32 -5.36 -30.80
CA GLU H 83 15.60 -5.63 -31.46
C GLU H 83 16.70 -5.88 -30.44
N GLY H 84 16.39 -6.67 -29.41
CA GLY H 84 17.37 -6.98 -28.39
C GLY H 84 16.89 -8.13 -27.54
N ALA H 85 17.83 -8.69 -26.78
CA ALA H 85 17.54 -9.82 -25.89
C ALA H 85 17.20 -9.28 -24.51
N GLY H 86 15.99 -9.60 -24.04
CA GLY H 86 15.55 -9.15 -22.73
C GLY H 86 15.52 -10.26 -21.69
N SER H 87 16.26 -10.08 -20.61
CA SER H 87 16.34 -11.07 -19.54
C SER H 87 15.83 -10.45 -18.24
N ILE H 88 14.98 -11.18 -17.54
CA ILE H 88 14.44 -10.76 -16.25
C ILE H 88 14.78 -11.82 -15.22
N ALA H 89 15.43 -11.41 -14.13
CA ALA H 89 15.83 -12.31 -13.05
C ALA H 89 16.65 -13.48 -13.57
N ALA H 90 17.62 -13.18 -14.43
CA ALA H 90 18.47 -14.19 -15.05
C ALA H 90 19.81 -14.25 -14.35
N ALA H 91 20.18 -15.44 -13.88
CA ALA H 91 21.45 -15.66 -13.21
C ALA H 91 22.31 -16.58 -14.05
N THR H 92 23.55 -16.17 -14.30
CA THR H 92 24.48 -16.92 -15.14
C THR H 92 25.77 -17.18 -14.38
N GLY H 93 26.30 -18.39 -14.51
CA GLY H 93 27.56 -18.74 -13.92
C GLY H 93 28.72 -18.07 -14.62
N PHE H 94 29.92 -18.33 -14.11
CA PHE H 94 31.11 -17.70 -14.67
C PHE H 94 31.35 -18.17 -16.09
N VAL H 95 31.76 -17.24 -16.95
CA VAL H 95 31.95 -17.49 -18.37
C VAL H 95 33.44 -17.37 -18.68
N LYS H 96 33.99 -18.40 -19.31
CA LYS H 96 35.41 -18.42 -19.64
C LYS H 96 35.61 -18.56 -21.15
N VAL I 15 0.55 5.50 -34.42
CA VAL I 15 -0.46 5.85 -33.43
C VAL I 15 -1.05 7.22 -33.74
N VAL I 16 -2.07 7.26 -34.58
CA VAL I 16 -2.66 8.51 -35.02
C VAL I 16 -4.11 8.56 -34.56
N ALA I 17 -4.71 9.74 -34.70
CA ALA I 17 -6.12 9.93 -34.34
C ALA I 17 -6.65 11.11 -35.13
N ALA I 18 -7.63 10.85 -36.00
CA ALA I 18 -8.21 11.88 -36.85
C ALA I 18 -9.72 11.87 -36.70
N ALA I 19 -10.32 13.04 -36.87
CA ALA I 19 -11.78 13.19 -36.78
C ALA I 19 -12.21 14.36 -37.65
N GLU I 20 -13.38 14.21 -38.26
CA GLU I 20 -13.96 15.24 -39.11
C GLU I 20 -15.42 15.43 -38.75
N LYS I 21 -15.89 16.68 -38.87
CA LYS I 21 -17.28 17.02 -38.56
C LYS I 21 -17.75 18.07 -39.55
N THR I 22 -18.98 17.90 -40.03
CA THR I 22 -19.57 18.84 -40.98
C THR I 22 -21.05 19.08 -40.68
N GLY I 36 -24.31 16.93 -29.83
CA GLY I 36 -23.54 15.76 -30.21
C GLY I 36 -22.13 15.77 -29.66
N VAL I 37 -21.67 14.61 -29.22
CA VAL I 37 -20.34 14.44 -28.66
C VAL I 37 -19.57 13.42 -29.50
N LEU I 38 -18.40 13.82 -29.96
CA LEU I 38 -17.54 12.96 -30.77
C LEU I 38 -16.22 12.77 -30.05
N TYR I 39 -15.81 11.50 -29.87
CA TYR I 39 -14.60 11.17 -29.14
C TYR I 39 -13.74 10.27 -30.01
N VAL I 40 -12.46 10.64 -30.15
CA VAL I 40 -11.47 9.84 -30.86
C VAL I 40 -10.23 9.76 -30.00
N GLY I 41 -9.73 8.55 -29.76
CA GLY I 41 -8.56 8.36 -28.93
C GLY I 41 -7.72 7.20 -29.43
N SER I 42 -6.43 7.25 -29.07
CA SER I 42 -5.49 6.19 -29.44
C SER I 42 -4.44 6.13 -28.35
N LYS I 43 -4.60 5.19 -27.43
CA LYS I 43 -3.70 5.02 -26.29
C LYS I 43 -2.81 3.81 -26.51
N THR I 44 -1.62 3.87 -25.91
CA THR I 44 -0.63 2.80 -26.06
C THR I 44 0.27 2.81 -24.83
N LYS I 45 0.51 1.62 -24.26
CA LYS I 45 1.38 1.46 -23.12
C LYS I 45 2.39 0.36 -23.38
N GLU I 46 3.63 0.60 -22.97
CA GLU I 46 4.70 -0.39 -23.10
C GLU I 46 5.59 -0.30 -21.87
N GLY I 47 5.70 -1.40 -21.13
CA GLY I 47 6.51 -1.43 -19.93
C GLY I 47 6.03 -0.47 -18.86
N VAL I 48 4.84 -0.70 -18.31
CA VAL I 48 4.26 0.18 -17.30
C VAL I 48 3.82 -0.65 -16.11
N VAL I 49 4.17 -0.21 -14.91
CA VAL I 49 3.75 -0.83 -13.66
C VAL I 49 3.01 0.22 -12.84
N HIS I 50 1.82 -0.13 -12.36
CA HIS I 50 1.05 0.82 -11.56
C HIS I 50 0.09 0.06 -10.65
N GLY I 51 -0.50 0.80 -9.71
CA GLY I 51 -1.47 0.24 -8.79
C GLY I 51 -0.91 -0.86 -7.90
N VAL I 52 0.25 -0.62 -7.30
CA VAL I 52 0.95 -1.61 -6.50
C VAL I 52 0.96 -1.14 -5.05
N ALA I 53 0.52 -2.01 -4.14
CA ALA I 53 0.55 -1.76 -2.71
C ALA I 53 1.29 -2.90 -2.02
N THR I 54 2.32 -2.56 -1.25
CA THR I 54 3.18 -3.55 -0.61
C THR I 54 3.30 -3.23 0.87
N VAL I 55 3.13 -4.24 1.71
CA VAL I 55 3.30 -4.11 3.16
C VAL I 55 4.26 -5.19 3.62
N ALA I 56 5.29 -4.78 4.36
CA ALA I 56 6.30 -5.70 4.89
C ALA I 56 6.43 -5.48 6.38
N GLU I 57 6.68 -6.57 7.11
CA GLU I 57 6.79 -6.52 8.57
C GLU I 57 7.82 -7.53 9.03
N LYS I 58 8.88 -7.02 9.67
CA LYS I 58 9.90 -7.86 10.33
C LYS I 58 10.59 -8.79 9.34
N THR I 59 10.75 -8.36 8.09
CA THR I 59 11.47 -9.17 7.12
C THR I 59 12.96 -9.12 7.42
N LYS I 60 13.59 -10.30 7.47
CA LYS I 60 15.00 -10.42 7.78
C LYS I 60 15.73 -11.04 6.60
N GLU I 61 16.85 -10.42 6.22
CA GLU I 61 17.66 -10.89 5.10
C GLU I 61 19.12 -10.90 5.51
N GLN I 62 19.90 -11.77 4.86
CA GLN I 62 21.33 -11.90 5.14
C GLN I 62 22.01 -12.44 3.89
N VAL I 63 22.93 -11.66 3.34
CA VAL I 63 23.63 -12.01 2.10
C VAL I 63 25.12 -12.06 2.40
N THR I 64 25.76 -13.16 2.00
CA THR I 64 27.20 -13.33 2.13
C THR I 64 27.74 -13.75 0.77
N ASN I 65 28.48 -12.86 0.11
CA ASN I 65 29.00 -13.09 -1.22
C ASN I 65 30.52 -13.02 -1.20
N VAL I 66 31.16 -13.97 -1.89
CA VAL I 66 32.61 -14.04 -2.00
C VAL I 66 32.94 -14.19 -3.49
N GLY I 67 33.25 -13.08 -4.14
CA GLY I 67 33.63 -13.11 -5.54
C GLY I 67 32.54 -13.56 -6.50
N GLY I 68 31.31 -13.10 -6.29
CA GLY I 68 30.22 -13.44 -7.19
C GLY I 68 29.29 -12.27 -7.47
N ALA I 69 28.00 -12.55 -7.56
CA ALA I 69 27.01 -11.50 -7.80
C ALA I 69 25.68 -11.93 -7.20
N VAL I 70 25.07 -11.05 -6.42
CA VAL I 70 23.79 -11.31 -5.77
C VAL I 70 22.86 -10.14 -6.05
N VAL I 71 21.64 -10.44 -6.48
CA VAL I 71 20.61 -9.43 -6.73
C VAL I 71 19.36 -9.83 -5.96
N THR I 72 18.78 -8.88 -5.24
CA THR I 72 17.57 -9.14 -4.46
C THR I 72 16.83 -7.83 -4.25
N GLY I 73 15.59 -7.96 -3.77
CA GLY I 73 14.78 -6.81 -3.43
C GLY I 73 14.45 -5.89 -4.58
N VAL I 74 14.02 -6.45 -5.71
CA VAL I 74 13.61 -5.69 -6.88
C VAL I 74 12.09 -5.68 -6.92
N THR I 75 11.51 -4.48 -6.95
CA THR I 75 10.06 -4.34 -6.93
C THR I 75 9.67 -3.09 -7.72
N ALA I 76 8.57 -3.21 -8.49
CA ALA I 76 8.00 -2.09 -9.23
C ALA I 76 9.03 -1.45 -10.16
N VAL I 77 9.51 -2.23 -11.12
CA VAL I 77 10.53 -1.80 -12.07
C VAL I 77 9.96 -1.94 -13.47
N ALA I 78 10.03 -0.86 -14.24
CA ALA I 78 9.59 -0.84 -15.63
C ALA I 78 10.70 -0.30 -16.51
N GLN I 79 10.89 -0.92 -17.67
CA GLN I 79 11.95 -0.51 -18.58
C GLN I 79 11.53 -0.79 -20.02
N LYS I 80 11.81 0.16 -20.90
CA LYS I 80 11.62 0.00 -22.33
C LYS I 80 12.94 0.27 -23.04
N THR I 81 13.38 -0.69 -23.85
CA THR I 81 14.67 -0.61 -24.53
C THR I 81 14.44 -0.79 -26.02
N VAL I 82 15.09 0.06 -26.82
CA VAL I 82 15.01 0.01 -28.27
C VAL I 82 16.42 -0.15 -28.83
N GLU I 83 16.60 -1.13 -29.71
CA GLU I 83 17.89 -1.41 -30.34
C GLU I 83 18.99 -1.66 -29.29
N GLY I 84 18.64 -2.45 -28.28
CA GLY I 84 19.60 -2.77 -27.23
C GLY I 84 19.11 -3.91 -26.38
N ALA I 85 20.03 -4.48 -25.60
CA ALA I 85 19.73 -5.59 -24.72
C ALA I 85 19.35 -5.06 -23.34
N GLY I 86 18.14 -5.36 -22.90
CA GLY I 86 17.68 -4.92 -21.61
C GLY I 86 17.62 -6.02 -20.56
N SER I 87 18.35 -5.84 -19.46
CA SER I 87 18.40 -6.82 -18.38
C SER I 87 17.88 -6.19 -17.10
N ILE I 88 17.00 -6.91 -16.41
CA ILE I 88 16.44 -6.48 -15.13
C ILE I 88 16.77 -7.56 -14.10
N ALA I 89 17.39 -7.14 -13.00
CA ALA I 89 17.76 -8.04 -11.90
C ALA I 89 18.60 -9.22 -12.41
N ALA I 90 19.58 -8.91 -13.24
CA ALA I 90 20.43 -9.93 -13.85
C ALA I 90 21.76 -9.99 -13.12
N ALA I 91 22.13 -11.17 -12.64
CA ALA I 91 23.39 -11.39 -11.95
C ALA I 91 24.27 -12.32 -12.77
N THR I 92 25.51 -11.93 -13.00
CA THR I 92 26.44 -12.67 -13.82
C THR I 92 27.72 -12.94 -13.03
N GLY I 93 28.25 -14.15 -13.17
CA GLY I 93 29.50 -14.50 -12.53
C GLY I 93 30.68 -13.84 -13.23
N PHE I 94 31.86 -14.09 -12.68
CA PHE I 94 33.07 -13.47 -13.22
C PHE I 94 33.33 -13.94 -14.65
N VAL I 95 33.76 -13.01 -15.49
CA VAL I 95 33.98 -13.27 -16.91
C VAL I 95 35.47 -13.16 -17.19
N LYS I 96 36.03 -14.20 -17.81
CA LYS I 96 37.45 -14.22 -18.13
C LYS I 96 37.68 -14.37 -19.62
N VAL J 15 2.92 9.62 -33.65
CA VAL J 15 1.90 9.98 -32.67
C VAL J 15 1.33 11.36 -33.01
N VAL J 16 0.32 11.39 -33.86
CA VAL J 16 -0.26 12.64 -34.34
C VAL J 16 -1.72 12.70 -33.91
N ALA J 17 -2.32 13.88 -34.05
CA ALA J 17 -3.73 14.07 -33.73
C ALA J 17 -4.24 15.25 -34.54
N ALA J 18 -5.21 14.98 -35.43
CA ALA J 18 -5.76 16.00 -36.30
C ALA J 18 -7.28 16.00 -36.18
N ALA J 19 -7.87 17.18 -36.37
CA ALA J 19 -9.32 17.33 -36.30
C ALA J 19 -9.74 18.49 -37.19
N GLU J 20 -10.90 18.34 -37.83
CA GLU J 20 -11.46 19.37 -38.69
C GLU J 20 -12.94 19.57 -38.36
N LYS J 21 -13.39 20.81 -38.50
CA LYS J 21 -14.77 21.17 -38.23
C LYS J 21 -15.23 22.20 -39.23
N THR J 22 -16.46 22.04 -39.73
CA THR J 22 -17.02 22.96 -40.70
C THR J 22 -18.50 23.21 -40.42
N GLY J 36 -21.97 21.20 -29.61
CA GLY J 36 -21.19 20.02 -29.97
C GLY J 36 -19.80 20.03 -29.39
N VAL J 37 -19.34 18.86 -28.94
CA VAL J 37 -18.02 18.69 -28.34
C VAL J 37 -17.25 17.67 -29.16
N LEU J 38 -16.05 18.06 -29.62
CA LEU J 38 -15.19 17.19 -30.40
C LEU J 38 -13.88 16.99 -29.64
N TYR J 39 -13.49 15.73 -29.45
CA TYR J 39 -12.29 15.40 -28.69
C TYR J 39 -11.41 14.49 -29.54
N VAL J 40 -10.14 14.85 -29.66
CA VAL J 40 -9.14 14.03 -30.35
C VAL J 40 -7.91 13.97 -29.45
N GLY J 41 -7.43 12.76 -29.20
CA GLY J 41 -6.28 12.57 -28.35
C GLY J 41 -5.42 11.41 -28.83
N SER J 42 -4.14 11.45 -28.44
CA SER J 42 -3.20 10.39 -28.79
C SER J 42 -2.16 10.34 -27.67
N LYS J 43 -2.34 9.39 -26.74
CA LYS J 43 -1.47 9.25 -25.60
C LYS J 43 -0.57 8.03 -25.77
N THR J 44 0.61 8.08 -25.16
CA THR J 44 1.59 7.02 -25.28
C THR J 44 2.47 7.03 -24.04
N LYS J 45 2.69 5.84 -23.45
CA LYS J 45 3.54 5.70 -22.29
C LYS J 45 4.56 4.59 -22.52
N GLU J 46 5.80 4.83 -22.09
CA GLU J 46 6.85 3.84 -22.19
C GLU J 46 7.72 3.94 -20.95
N GLY J 47 7.81 2.84 -20.20
CA GLY J 47 8.60 2.82 -18.98
C GLY J 47 8.11 3.79 -17.92
N VAL J 48 6.92 3.57 -17.40
CA VAL J 48 6.31 4.47 -16.41
C VAL J 48 5.85 3.64 -15.22
N VAL J 49 6.19 4.11 -14.01
CA VAL J 49 5.74 3.50 -12.76
C VAL J 49 4.98 4.57 -11.97
N HIS J 50 3.78 4.23 -11.51
CA HIS J 50 3.01 5.18 -10.73
C HIS J 50 2.02 4.44 -9.84
N GLY J 51 1.43 5.18 -8.91
CA GLY J 51 0.44 4.64 -8.00
C GLY J 51 0.98 3.55 -7.10
N VAL J 52 2.13 3.80 -6.47
CA VAL J 52 2.81 2.80 -5.64
C VAL J 52 2.80 3.29 -4.20
N ALA J 53 2.34 2.43 -3.30
CA ALA J 53 2.34 2.70 -1.87
C ALA J 53 3.07 1.56 -1.16
N THR J 54 4.09 1.90 -0.37
CA THR J 54 4.92 0.92 0.30
C THR J 54 5.02 1.26 1.78
N VAL J 55 4.84 0.25 2.63
CA VAL J 55 4.97 0.39 4.07
C VAL J 55 5.93 -0.68 4.57
N ALA J 56 6.96 -0.26 5.31
CA ALA J 56 7.94 -1.18 5.87
C ALA J 56 8.05 -0.95 7.37
N GLU J 57 8.28 -2.04 8.11
CA GLU J 57 8.36 -1.97 9.57
C GLU J 57 9.39 -2.97 10.05
N LYS J 58 10.43 -2.47 10.72
CA LYS J 58 11.44 -3.29 11.39
C LYS J 58 12.14 -4.24 10.43
N THR J 59 12.32 -3.83 9.18
CA THR J 59 13.06 -4.65 8.23
C THR J 59 14.55 -4.61 8.57
N LYS J 60 15.16 -5.79 8.63
CA LYS J 60 16.57 -5.91 8.97
C LYS J 60 17.32 -6.54 7.80
N GLU J 61 18.45 -5.94 7.44
CA GLU J 61 19.28 -6.42 6.35
C GLU J 61 20.74 -6.44 6.78
N GLN J 62 21.51 -7.31 6.15
CA GLN J 62 22.94 -7.43 6.45
C GLN J 62 23.64 -7.99 5.22
N VAL J 63 24.57 -7.22 4.67
CA VAL J 63 25.29 -7.59 3.46
C VAL J 63 26.78 -7.64 3.78
N THR J 64 27.42 -8.75 3.41
CA THR J 64 28.86 -8.92 3.56
C THR J 64 29.42 -9.36 2.22
N ASN J 65 30.18 -8.48 1.57
CA ASN J 65 30.72 -8.73 0.24
C ASN J 65 32.24 -8.66 0.28
N VAL J 66 32.88 -9.62 -0.38
CA VAL J 66 34.34 -9.70 -0.47
C VAL J 66 34.69 -9.86 -1.94
N GLY J 67 35.01 -8.76 -2.61
CA GLY J 67 35.42 -8.81 -4.00
C GLY J 67 34.35 -9.26 -4.97
N GLY J 68 33.11 -8.80 -4.79
CA GLY J 68 32.04 -9.14 -5.70
C GLY J 68 31.12 -7.98 -6.00
N ALA J 69 29.82 -8.24 -6.12
CA ALA J 69 28.85 -7.21 -6.39
C ALA J 69 27.51 -7.62 -5.81
N VAL J 70 26.89 -6.72 -5.05
CA VAL J 70 25.59 -6.97 -4.42
C VAL J 70 24.67 -5.80 -4.72
N VAL J 71 23.46 -6.10 -5.17
CA VAL J 71 22.44 -5.09 -5.46
C VAL J 71 21.18 -5.48 -4.70
N THR J 72 20.58 -4.51 -4.01
CA THR J 72 19.36 -4.77 -3.24
C THR J 72 18.62 -3.46 -3.06
N GLY J 73 17.37 -3.57 -2.60
CA GLY J 73 16.56 -2.41 -2.28
C GLY J 73 16.26 -1.50 -3.45
N VAL J 74 15.85 -2.08 -4.58
CA VAL J 74 15.46 -1.32 -5.76
C VAL J 74 13.94 -1.31 -5.83
N THR J 75 13.36 -0.11 -5.88
CA THR J 75 11.91 0.04 -5.89
C THR J 75 11.54 1.27 -6.70
N ALA J 76 10.46 1.16 -7.48
CA ALA J 76 9.90 2.27 -8.25
C ALA J 76 10.95 2.90 -9.18
N VAL J 77 11.45 2.10 -10.10
CA VAL J 77 12.48 2.52 -11.04
C VAL J 77 11.94 2.36 -12.46
N ALA J 78 12.04 3.44 -13.24
CA ALA J 78 11.61 3.45 -14.63
C ALA J 78 12.74 3.97 -15.50
N GLN J 79 12.95 3.34 -16.65
CA GLN J 79 14.02 3.73 -17.55
C GLN J 79 13.63 3.44 -18.99
N LYS J 80 13.93 4.38 -19.88
CA LYS J 80 13.76 4.21 -21.32
C LYS J 80 15.09 4.46 -22.00
N THR J 81 15.55 3.49 -22.78
CA THR J 81 16.84 3.56 -23.45
C THR J 81 16.65 3.36 -24.95
N VAL J 82 17.31 4.20 -25.74
CA VAL J 82 17.26 4.14 -27.20
C VAL J 82 18.68 3.97 -27.71
N GLU J 83 18.86 2.97 -28.59
CA GLU J 83 20.17 2.68 -29.19
C GLU J 83 21.23 2.44 -28.13
N GLY J 84 20.87 1.67 -27.09
CA GLY J 84 21.82 1.36 -26.04
C GLY J 84 21.29 0.22 -25.18
N ALA J 85 22.20 -0.33 -24.39
CA ALA J 85 21.88 -1.44 -23.50
C ALA J 85 21.49 -0.89 -22.13
N GLY J 86 20.26 -1.19 -21.70
CA GLY J 86 19.78 -0.72 -20.42
C GLY J 86 19.71 -1.81 -19.37
N SER J 87 20.41 -1.62 -18.25
CA SER J 87 20.44 -2.59 -17.18
C SER J 87 19.90 -1.96 -15.91
N ILE J 88 19.01 -2.66 -15.22
CA ILE J 88 18.43 -2.22 -13.96
C ILE J 88 18.73 -3.28 -12.90
N ALA J 89 19.34 -2.85 -11.80
CA ALA J 89 19.69 -3.74 -10.68
C ALA J 89 20.52 -4.92 -11.17
N ALA J 90 21.52 -4.64 -11.99
CA ALA J 90 22.38 -5.66 -12.56
C ALA J 90 23.70 -5.72 -11.81
N ALA J 91 24.06 -6.91 -11.32
CA ALA J 91 25.30 -7.13 -10.59
C ALA J 91 26.18 -8.07 -11.41
N THR J 92 27.44 -7.67 -11.61
CA THR J 92 28.38 -8.43 -12.41
C THR J 92 29.65 -8.69 -11.60
N GLY J 93 30.17 -9.91 -11.69
CA GLY J 93 31.41 -10.25 -11.04
C GLY J 93 32.60 -9.60 -11.72
N PHE J 94 33.78 -9.86 -11.16
CA PHE J 94 34.99 -9.25 -11.68
C PHE J 94 35.28 -9.74 -13.10
N VAL J 95 35.72 -8.82 -13.95
CA VAL J 95 35.97 -9.09 -15.36
C VAL J 95 37.47 -8.99 -15.61
N LYS J 96 38.04 -10.04 -16.20
CA LYS J 96 39.45 -10.07 -16.50
C LYS J 96 39.70 -10.24 -17.99
N VAL K 15 5.33 13.86 -32.84
CA VAL K 15 4.30 14.24 -31.89
C VAL K 15 3.73 15.60 -32.24
N VAL K 16 2.74 15.64 -33.12
CA VAL K 16 2.17 16.89 -33.61
C VAL K 16 0.70 16.95 -33.20
N ALA K 17 0.11 18.13 -33.37
CA ALA K 17 -1.30 18.33 -33.07
C ALA K 17 -1.80 19.51 -33.89
N ALA K 18 -2.74 19.24 -34.80
CA ALA K 18 -3.29 20.26 -35.68
C ALA K 18 -4.80 20.27 -35.59
N ALA K 19 -5.38 21.45 -35.79
CA ALA K 19 -6.84 21.60 -35.75
C ALA K 19 -7.24 22.75 -36.66
N GLU K 20 -8.39 22.61 -37.32
CA GLU K 20 -8.93 23.64 -38.19
C GLU K 20 -10.41 23.85 -37.89
N LYS K 21 -10.86 25.09 -38.04
CA LYS K 21 -12.24 25.44 -37.79
C LYS K 21 -12.68 26.48 -38.81
N THR K 22 -13.89 26.31 -39.33
CA THR K 22 -14.44 27.24 -40.32
C THR K 22 -15.92 27.49 -40.07
N GLY K 36 -19.60 25.52 -29.32
CA GLY K 36 -18.82 24.35 -29.67
C GLY K 36 -17.44 24.35 -29.06
N VAL K 37 -17.00 23.19 -28.59
CA VAL K 37 -15.68 23.02 -27.98
C VAL K 37 -14.90 21.99 -28.78
N LEU K 38 -13.70 22.37 -29.20
CA LEU K 38 -12.81 21.49 -29.96
C LEU K 38 -11.52 21.30 -29.19
N TYR K 39 -11.14 20.04 -28.97
CA TYR K 39 -9.96 19.71 -28.20
C TYR K 39 -9.06 18.78 -29.02
N VAL K 40 -7.79 19.15 -29.12
CA VAL K 40 -6.78 18.33 -29.78
C VAL K 40 -5.57 18.26 -28.87
N GLY K 41 -5.10 17.05 -28.61
CA GLY K 41 -3.96 16.86 -27.73
C GLY K 41 -3.10 15.70 -28.19
N SER K 42 -1.83 15.73 -27.78
CA SER K 42 -0.88 14.67 -28.10
C SER K 42 0.14 14.61 -26.96
N LYS K 43 -0.07 13.69 -26.04
CA LYS K 43 0.78 13.53 -24.87
C LYS K 43 1.68 12.31 -25.03
N THR K 44 2.85 12.37 -24.39
CA THR K 44 3.83 11.29 -24.49
C THR K 44 4.69 11.30 -23.23
N LYS K 45 4.89 10.12 -22.64
CA LYS K 45 5.72 9.98 -21.46
C LYS K 45 6.74 8.86 -21.67
N GLU K 46 7.97 9.10 -21.22
CA GLU K 46 9.03 8.10 -21.30
C GLU K 46 9.88 8.21 -20.03
N GLY K 47 9.95 7.12 -19.28
CA GLY K 47 10.71 7.10 -18.05
C GLY K 47 10.20 8.08 -17.01
N VAL K 48 9.00 7.87 -16.50
CA VAL K 48 8.38 8.77 -15.53
C VAL K 48 7.89 7.94 -14.34
N VAL K 49 8.21 8.41 -13.13
CA VAL K 49 7.73 7.81 -11.90
C VAL K 49 6.96 8.87 -11.12
N HIS K 50 5.76 8.54 -10.68
CA HIS K 50 4.97 9.50 -9.92
C HIS K 50 3.97 8.77 -9.04
N GLY K 51 3.35 9.51 -8.12
CA GLY K 51 2.35 8.97 -7.24
C GLY K 51 2.86 7.88 -6.31
N VAL K 52 4.00 8.13 -5.67
CA VAL K 52 4.67 7.14 -4.82
C VAL K 52 4.63 7.63 -3.38
N ALA K 53 4.15 6.78 -2.48
CA ALA K 53 4.13 7.05 -1.06
C ALA K 53 4.84 5.92 -0.33
N THR K 54 5.84 6.26 0.48
CA THR K 54 6.67 5.28 1.16
C THR K 54 6.73 5.62 2.64
N VAL K 55 6.54 4.61 3.50
CA VAL K 55 6.64 4.76 4.94
C VAL K 55 7.58 3.68 5.46
N ALA K 56 8.59 4.10 6.23
CA ALA K 56 9.57 3.19 6.80
C ALA K 56 9.65 3.42 8.30
N GLU K 57 9.86 2.34 9.05
CA GLU K 57 9.91 2.41 10.50
C GLU K 57 10.93 1.40 11.01
N LYS K 58 11.96 1.91 11.69
CA LYS K 58 12.95 1.08 12.39
C LYS K 58 13.68 0.13 11.45
N THR K 59 13.87 0.53 10.20
CA THR K 59 14.63 -0.29 9.26
C THR K 59 16.10 -0.25 9.62
N LYS K 60 16.73 -1.43 9.70
CA LYS K 60 18.12 -1.56 10.09
C LYS K 60 18.89 -2.19 8.93
N GLU K 61 20.03 -1.59 8.58
CA GLU K 61 20.87 -2.08 7.51
C GLU K 61 22.32 -2.09 7.96
N GLN K 62 23.12 -2.98 7.36
CA GLN K 62 24.53 -3.11 7.69
C GLN K 62 25.26 -3.67 6.48
N VAL K 63 26.19 -2.90 5.94
CA VAL K 63 26.94 -3.28 4.74
C VAL K 63 28.42 -3.33 5.09
N THR K 64 29.07 -4.45 4.73
CA THR K 64 30.51 -4.61 4.91
C THR K 64 31.09 -5.07 3.58
N ASN K 65 31.86 -4.18 2.94
CA ASN K 65 32.42 -4.44 1.62
C ASN K 65 33.95 -4.38 1.70
N VAL K 66 34.59 -5.34 1.05
CA VAL K 66 36.05 -5.43 1.00
C VAL K 66 36.43 -5.59 -0.47
N GLY K 67 36.77 -4.50 -1.14
CA GLY K 67 37.21 -4.55 -2.52
C GLY K 67 36.16 -5.00 -3.51
N GLY K 68 34.92 -4.53 -3.36
CA GLY K 68 33.86 -4.88 -4.29
C GLY K 68 32.95 -3.71 -4.61
N ALA K 69 31.66 -3.98 -4.75
CA ALA K 69 30.68 -2.93 -5.04
C ALA K 69 29.33 -3.34 -4.48
N VAL K 70 28.70 -2.44 -3.73
CA VAL K 70 27.39 -2.69 -3.13
C VAL K 70 26.48 -1.51 -3.46
N VAL K 71 25.28 -1.81 -3.93
CA VAL K 71 24.27 -0.80 -4.24
C VAL K 71 22.99 -1.18 -3.51
N THR K 72 22.39 -0.22 -2.82
CA THR K 72 21.16 -0.46 -2.08
C THR K 72 20.41 0.85 -1.91
N GLY K 73 19.15 0.74 -1.49
CA GLY K 73 18.34 1.90 -1.18
C GLY K 73 18.05 2.81 -2.36
N VAL K 74 17.67 2.23 -3.49
CA VAL K 74 17.30 2.98 -4.69
C VAL K 74 15.78 3.00 -4.79
N THR K 75 15.21 4.20 -4.85
CA THR K 75 13.76 4.35 -4.90
C THR K 75 13.41 5.59 -5.71
N ALA K 76 12.35 5.47 -6.51
CA ALA K 76 11.80 6.58 -7.30
C ALA K 76 12.88 7.21 -8.20
N VAL K 77 13.38 6.40 -9.12
CA VAL K 77 14.43 6.81 -10.04
C VAL K 77 13.92 6.66 -11.47
N ALA K 78 14.03 7.73 -12.24
CA ALA K 78 13.63 7.73 -13.65
C ALA K 78 14.78 8.26 -14.50
N GLN K 79 15.01 7.62 -15.64
CA GLN K 79 16.11 8.00 -16.52
C GLN K 79 15.74 7.71 -17.97
N LYS K 80 16.06 8.64 -18.85
CA LYS K 80 15.92 8.48 -20.29
C LYS K 80 17.26 8.72 -20.95
N THR K 81 17.73 7.74 -21.72
CA THR K 81 19.03 7.80 -22.36
C THR K 81 18.88 7.60 -23.86
N VAL K 82 19.56 8.44 -24.65
CA VAL K 82 19.53 8.37 -26.10
C VAL K 82 20.95 8.19 -26.59
N GLU K 83 21.16 7.19 -27.45
CA GLU K 83 22.47 6.89 -28.03
C GLU K 83 23.52 6.66 -26.95
N GLY K 84 23.14 5.89 -25.93
CA GLY K 84 24.06 5.58 -24.85
C GLY K 84 23.52 4.45 -24.00
N ALA K 85 24.40 3.89 -23.19
CA ALA K 85 24.06 2.79 -22.29
C ALA K 85 23.64 3.35 -20.94
N GLY K 86 22.41 3.04 -20.53
CA GLY K 86 21.90 3.52 -19.26
C GLY K 86 21.80 2.44 -18.21
N SER K 87 22.49 2.62 -17.09
CA SER K 87 22.50 1.66 -16.00
C SER K 87 21.93 2.31 -14.75
N ILE K 88 21.03 1.60 -14.07
CA ILE K 88 20.43 2.05 -12.82
C ILE K 88 20.71 0.99 -11.76
N ALA K 89 21.30 1.43 -10.64
CA ALA K 89 21.62 0.53 -9.52
C ALA K 89 22.46 -0.66 -9.99
N ALA K 90 23.48 -0.37 -10.80
CA ALA K 90 24.35 -1.40 -11.34
C ALA K 90 25.65 -1.46 -10.57
N ALA K 91 25.99 -2.64 -10.06
CA ALA K 91 27.22 -2.86 -9.31
C ALA K 91 28.11 -3.80 -10.10
N THR K 92 29.36 -3.42 -10.29
CA THR K 92 30.33 -4.19 -11.06
C THR K 92 31.57 -4.44 -10.23
N GLY K 93 32.10 -5.66 -10.32
CA GLY K 93 33.33 -6.01 -9.64
C GLY K 93 34.53 -5.37 -10.30
N PHE K 94 35.70 -5.62 -9.70
CA PHE K 94 36.92 -5.01 -10.21
C PHE K 94 37.24 -5.51 -11.62
N VAL K 95 37.69 -4.59 -12.46
CA VAL K 95 37.97 -4.87 -13.87
C VAL K 95 39.47 -4.78 -14.10
N LYS K 96 40.05 -5.82 -14.67
CA LYS K 96 41.48 -5.86 -14.93
C LYS K 96 41.76 -6.03 -16.42
N VAL L 15 7.72 17.96 -32.05
CA VAL L 15 6.66 18.35 -31.12
C VAL L 15 6.12 19.71 -31.50
N VAL L 16 5.13 19.75 -32.39
CA VAL L 16 4.58 21.00 -32.90
C VAL L 16 3.10 21.07 -32.52
N ALA L 17 2.52 22.25 -32.71
CA ALA L 17 1.10 22.46 -32.44
C ALA L 17 0.62 23.63 -33.29
N ALA L 18 -0.31 23.35 -34.21
CA ALA L 18 -0.83 24.36 -35.11
C ALA L 18 -2.35 24.38 -35.04
N ALA L 19 -2.92 25.56 -35.27
CA ALA L 19 -4.36 25.73 -35.26
C ALA L 19 -4.75 26.86 -36.19
N GLU L 20 -5.88 26.71 -36.86
CA GLU L 20 -6.41 27.73 -37.76
C GLU L 20 -7.89 27.96 -37.49
N LYS L 21 -8.33 29.20 -37.66
CA LYS L 21 -9.72 29.56 -37.44
C LYS L 21 -10.13 30.59 -38.47
N THR L 22 -11.34 30.42 -39.01
CA THR L 22 -11.86 31.33 -40.02
C THR L 22 -13.35 31.60 -39.81
N GLY L 36 -17.22 29.76 -29.10
CA GLY L 36 -16.44 28.59 -29.42
C GLY L 36 -15.06 28.59 -28.78
N VAL L 37 -14.63 27.43 -28.29
CA VAL L 37 -13.34 27.27 -27.65
C VAL L 37 -12.55 26.22 -28.43
N LEU L 38 -11.34 26.59 -28.84
CA LEU L 38 -10.45 25.70 -29.58
C LEU L 38 -9.17 25.51 -28.77
N TYR L 39 -8.80 24.25 -28.54
CA TYR L 39 -7.63 23.92 -27.73
C TYR L 39 -6.73 22.99 -28.54
N VAL L 40 -5.44 23.34 -28.62
CA VAL L 40 -4.43 22.52 -29.26
C VAL L 40 -3.23 22.44 -28.32
N GLY L 41 -2.77 21.24 -28.03
CA GLY L 41 -1.65 21.05 -27.14
C GLY L 41 -0.79 19.88 -27.56
N SER L 42 0.48 19.92 -27.13
CA SER L 42 1.42 18.85 -27.43
C SER L 42 2.42 18.80 -26.27
N LYS L 43 2.19 17.88 -25.34
CA LYS L 43 3.03 17.74 -24.15
C LYS L 43 3.92 16.52 -24.29
N THR L 44 5.08 16.57 -23.63
CA THR L 44 6.05 15.49 -23.69
C THR L 44 6.89 15.51 -22.43
N LYS L 45 7.08 14.35 -21.82
CA LYS L 45 7.88 14.20 -20.61
C LYS L 45 8.90 13.08 -20.80
N GLU L 46 10.12 13.32 -20.33
CA GLU L 46 11.18 12.32 -20.37
C GLU L 46 12.00 12.44 -19.10
N GLY L 47 12.06 11.35 -18.33
CA GLY L 47 12.80 11.34 -17.09
C GLY L 47 12.28 12.33 -16.07
N VAL L 48 11.06 12.13 -15.58
CA VAL L 48 10.44 13.05 -14.63
C VAL L 48 9.92 12.25 -13.44
N VAL L 49 10.22 12.72 -12.23
CA VAL L 49 9.71 12.13 -10.99
C VAL L 49 8.95 13.21 -10.25
N HIS L 50 7.73 12.88 -9.82
CA HIS L 50 6.93 13.86 -9.09
C HIS L 50 5.91 13.14 -8.22
N GLY L 51 5.28 13.90 -7.32
CA GLY L 51 4.25 13.37 -6.44
C GLY L 51 4.75 12.30 -5.50
N VAL L 52 5.88 12.54 -4.85
CA VAL L 52 6.53 11.56 -3.98
C VAL L 52 6.47 12.06 -2.54
N ALA L 53 5.96 11.23 -1.64
CA ALA L 53 5.93 11.51 -0.21
C ALA L 53 6.61 10.38 0.54
N THR L 54 7.61 10.73 1.35
CA THR L 54 8.41 9.75 2.07
C THR L 54 8.46 10.12 3.55
N VAL L 55 8.24 9.12 4.40
CA VAL L 55 8.32 9.28 5.85
C VAL L 55 9.25 8.21 6.39
N ALA L 56 10.24 8.62 7.18
CA ALA L 56 11.20 7.72 7.78
C ALA L 56 11.26 7.97 9.28
N GLU L 57 11.46 6.89 10.05
CA GLU L 57 11.48 6.97 11.50
C GLU L 57 12.48 5.98 12.04
N LYS L 58 13.51 6.49 12.73
CA LYS L 58 14.48 5.66 13.45
C LYS L 58 15.22 4.69 12.53
N THR L 59 15.44 5.08 11.28
CA THR L 59 16.21 4.25 10.37
C THR L 59 17.68 4.29 10.76
N LYS L 60 18.28 3.10 10.86
CA LYS L 60 19.68 2.97 11.26
C LYS L 60 20.47 2.32 10.13
N GLU L 61 21.62 2.91 9.80
CA GLU L 61 22.47 2.41 8.74
C GLU L 61 23.92 2.39 9.22
N GLN L 62 24.71 1.50 8.64
CA GLN L 62 26.11 1.36 9.00
C GLN L 62 26.87 0.79 7.80
N VAL L 63 27.83 1.55 7.28
CA VAL L 63 28.58 1.15 6.10
C VAL L 63 30.06 1.09 6.47
N THR L 64 30.70 -0.02 6.14
CA THR L 64 32.14 -0.20 6.35
C THR L 64 32.74 -0.67 5.03
N ASN L 65 33.53 0.20 4.39
CA ASN L 65 34.12 -0.08 3.10
C ASN L 65 35.63 -0.02 3.18
N VAL L 66 36.30 -0.99 2.57
CA VAL L 66 37.75 -1.08 2.54
C VAL L 66 38.15 -1.27 1.08
N GLY L 67 38.51 -0.17 0.41
CA GLY L 67 38.97 -0.25 -0.97
C GLY L 67 37.93 -0.71 -1.98
N GLY L 68 36.69 -0.23 -1.84
CA GLY L 68 35.64 -0.59 -2.78
C GLY L 68 34.75 0.58 -3.14
N ALA L 69 33.46 0.32 -3.30
CA ALA L 69 32.50 1.37 -3.62
C ALA L 69 31.14 0.97 -3.08
N VAL L 70 30.50 1.88 -2.36
CA VAL L 70 29.17 1.65 -1.77
C VAL L 70 28.28 2.83 -2.12
N VAL L 71 27.07 2.52 -2.62
CA VAL L 71 26.08 3.53 -2.95
C VAL L 71 24.78 3.17 -2.25
N THR L 72 24.17 4.14 -1.58
CA THR L 72 22.93 3.92 -0.86
C THR L 72 22.18 5.24 -0.72
N GLY L 73 20.92 5.14 -0.31
CA GLY L 73 20.11 6.30 -0.03
C GLY L 73 19.85 7.20 -1.23
N VAL L 74 19.48 6.60 -2.36
CA VAL L 74 19.14 7.35 -3.57
C VAL L 74 17.63 7.37 -3.70
N THR L 75 17.06 8.57 -3.78
CA THR L 75 15.61 8.73 -3.85
C THR L 75 15.28 9.95 -4.69
N ALA L 76 14.23 9.84 -5.51
CA ALA L 76 13.70 10.94 -6.31
C ALA L 76 14.79 11.55 -7.21
N VAL L 77 15.31 10.73 -8.10
CA VAL L 77 16.38 11.13 -9.01
C VAL L 77 15.90 10.97 -10.45
N ALA L 78 16.03 12.03 -11.23
CA ALA L 78 15.65 12.01 -12.64
C ALA L 78 16.81 12.52 -13.48
N GLN L 79 17.06 11.87 -14.61
CA GLN L 79 18.17 12.24 -15.48
C GLN L 79 17.83 11.93 -16.92
N LYS L 80 18.18 12.85 -17.82
CA LYS L 80 18.05 12.67 -19.25
C LYS L 80 19.41 12.90 -19.89
N THR L 81 19.89 11.91 -20.64
CA THR L 81 21.21 11.96 -21.26
C THR L 81 21.07 11.75 -22.76
N VAL L 82 21.77 12.57 -23.54
CA VAL L 82 21.76 12.48 -25.00
C VAL L 82 23.20 12.29 -25.47
N GLU L 83 23.41 11.28 -26.31
CA GLU L 83 24.73 10.98 -26.86
C GLU L 83 25.75 10.74 -25.75
N GLY L 84 25.36 9.99 -24.74
CA GLY L 84 26.25 9.68 -23.64
C GLY L 84 25.70 8.57 -22.79
N ALA L 85 26.56 8.02 -21.95
CA ALA L 85 26.21 6.92 -21.05
C ALA L 85 25.77 7.50 -19.71
N GLY L 86 24.53 7.21 -19.32
CA GLY L 86 24.00 7.70 -18.06
C GLY L 86 23.88 6.62 -17.01
N SER L 87 24.55 6.82 -15.87
CA SER L 87 24.52 5.87 -14.77
C SER L 87 23.95 6.54 -13.53
N ILE L 88 23.02 5.84 -12.87
CA ILE L 88 22.41 6.31 -11.63
C ILE L 88 22.66 5.27 -10.56
N ALA L 89 23.23 5.70 -9.44
CA ALA L 89 23.53 4.82 -8.30
C ALA L 89 24.37 3.63 -8.73
N ALA L 90 25.41 3.89 -9.52
CA ALA L 90 26.28 2.85 -10.05
C ALA L 90 27.57 2.80 -9.25
N ALA L 91 27.89 1.62 -8.73
CA ALA L 91 29.10 1.41 -7.96
C ALA L 91 30.01 0.45 -8.71
N THR L 92 31.27 0.83 -8.88
CA THR L 92 32.24 0.05 -9.63
C THR L 92 33.47 -0.20 -8.77
N GLY L 93 33.99 -1.43 -8.84
CA GLY L 93 35.21 -1.76 -8.14
C GLY L 93 36.42 -1.14 -8.78
N PHE L 94 37.58 -1.39 -8.16
CA PHE L 94 38.81 -0.80 -8.65
C PHE L 94 39.15 -1.31 -10.05
N VAL L 95 39.63 -0.41 -10.89
CA VAL L 95 39.93 -0.71 -12.30
C VAL L 95 41.44 -0.62 -12.50
N LYS L 96 42.01 -1.67 -13.05
CA LYS L 96 43.45 -1.72 -13.29
C LYS L 96 43.75 -1.91 -14.77
#